data_3W8Z
#
_entry.id   3W8Z
#
_cell.length_a   71.070
_cell.length_b   85.120
_cell.length_c   79.340
_cell.angle_alpha   90.00
_cell.angle_beta   99.58
_cell.angle_gamma   90.00
#
_symmetry.space_group_name_H-M   'P 1 21 1'
#
loop_
_entity.id
_entity.type
_entity.pdbx_description
1 polymer 'Putative FAD-dependent oxygenase EncM'
2 non-polymer 'FLAVIN-ADENINE DINUCLEOTIDE'
3 non-polymer (7S)-7-hydroxy-1-phenyloctane-1,3,5-trione
4 water water
#
_entity_poly.entity_id   1
_entity_poly.type   'polypeptide(L)'
_entity_poly.pdbx_seq_one_letter_code
;GSHGMQFPQLDPATLAAFSAAFRGELIWPSDADYDEARRIWNGTIDRRPALIARCTSTPDVVAAVSFARKSGLLVAVRGG
GHSMAGHSVCDGGIVIDLSLMNSIKVSRRLRRARAQGGCLLGAFDTATQAHMLATPAGVVSHTGLGGLVLGGGFGWLSRK
YGLSIDNLTSVEIVTADGGVLTASDTENPDLFWAVRGGGGNFGVVTAFEFDLHRVGPVRFASTYYSLDEGPQVIRAWRDH
MATAPDELTWALYLRLAPPLPELPADMHGKPVICAMSCWIGDPHEGERQLESILHAGKPHGLTKATLPYRALQAYSFPGA
VVPDRIYTKSGYLNELSDEATDTVLEHAADIASPFTQLELLYLGGAVARVPDDATAYPNRQSPFVTNLAAAWMDPTEDAR
HTAWAREGYRALAGHLSGGYVNFMNPGEADRTREAYGAAKFERLQGVKAKYDPTNLFRLNQNIPPSSP
;
_entity_poly.pdbx_strand_id   A,B
#
# COMPACT_ATOMS: atom_id res chain seq x y z
N GLN A 6 -23.09 16.64 21.35
CA GLN A 6 -21.72 15.95 21.44
C GLN A 6 -21.21 15.74 22.87
N PHE A 7 -21.96 16.27 23.82
CA PHE A 7 -21.58 16.09 25.20
C PHE A 7 -22.78 15.44 25.91
N PRO A 8 -23.26 14.24 25.47
CA PRO A 8 -24.41 13.60 26.05
C PRO A 8 -24.13 12.95 27.41
N GLN A 9 -25.19 12.74 28.19
CA GLN A 9 -25.03 12.15 29.51
C GLN A 9 -25.02 10.63 29.36
N LEU A 10 -23.97 9.97 29.78
CA LEU A 10 -23.91 8.55 29.53
C LEU A 10 -24.10 7.79 30.84
N ASP A 11 -24.63 6.57 30.81
CA ASP A 11 -24.70 5.80 32.05
C ASP A 11 -23.36 5.28 32.62
N PRO A 12 -23.00 5.64 33.88
CA PRO A 12 -21.70 5.18 34.40
C PRO A 12 -21.52 3.62 34.38
N ALA A 13 -22.58 2.81 34.64
CA ALA A 13 -22.43 1.31 34.63
C ALA A 13 -22.15 0.88 33.20
N THR A 14 -22.94 1.40 32.27
CA THR A 14 -22.78 1.09 30.82
C THR A 14 -21.38 1.47 30.29
N LEU A 15 -20.97 2.72 30.57
CA LEU A 15 -19.64 3.19 30.26
C LEU A 15 -18.54 2.34 30.82
N ALA A 16 -18.65 1.97 32.11
CA ALA A 16 -17.58 1.21 32.71
C ALA A 16 -17.47 -0.19 32.08
N ALA A 17 -18.62 -0.79 31.76
CA ALA A 17 -18.69 -2.11 31.15
C ALA A 17 -17.98 -2.05 29.76
N PHE A 18 -18.26 -0.95 29.06
CA PHE A 18 -17.55 -0.72 27.74
C PHE A 18 -16.05 -0.63 27.96
N SER A 19 -15.60 0.26 28.84
CA SER A 19 -14.17 0.38 29.21
C SER A 19 -13.48 -0.93 29.53
N ALA A 20 -14.10 -1.76 30.36
CA ALA A 20 -13.48 -3.03 30.75
C ALA A 20 -13.34 -3.96 29.52
N ALA A 21 -14.27 -3.91 28.58
CA ALA A 21 -14.30 -4.87 27.46
C ALA A 21 -13.46 -4.42 26.25
N PHE A 22 -13.14 -3.13 26.20
CA PHE A 22 -12.59 -2.45 24.98
C PHE A 22 -11.09 -2.32 25.16
N ARG A 23 -10.30 -2.68 24.15
CA ARG A 23 -8.84 -2.65 24.26
C ARG A 23 -8.23 -1.63 23.28
N GLY A 24 -9.10 -0.85 22.64
CA GLY A 24 -8.68 0.10 21.58
C GLY A 24 -8.49 1.49 22.14
N GLU A 25 -8.59 2.50 21.29
CA GLU A 25 -8.32 3.88 21.68
C GLU A 25 -9.62 4.65 21.61
N LEU A 26 -9.93 5.45 22.64
CA LEU A 26 -11.14 6.26 22.64
C LEU A 26 -10.70 7.70 22.37
N ILE A 27 -11.49 8.44 21.61
CA ILE A 27 -11.21 9.86 21.35
C ILE A 27 -12.48 10.64 21.73
N TRP A 28 -12.37 11.57 22.72
CA TRP A 28 -13.47 12.35 23.22
C TRP A 28 -13.39 13.79 22.65
N PRO A 29 -14.51 14.55 22.70
CA PRO A 29 -14.54 15.88 22.19
C PRO A 29 -13.48 16.81 22.74
N SER A 30 -13.06 16.63 24.00
CA SER A 30 -12.07 17.57 24.44
C SER A 30 -10.63 17.16 24.10
N ASP A 31 -10.44 16.01 23.45
CA ASP A 31 -9.09 15.50 23.18
C ASP A 31 -8.47 16.31 22.04
N ALA A 32 -7.15 16.52 22.09
CA ALA A 32 -6.42 17.31 21.05
C ALA A 32 -6.59 16.75 19.64
N ASP A 33 -6.72 15.44 19.51
CA ASP A 33 -6.84 14.84 18.19
C ASP A 33 -8.29 14.72 17.67
N TYR A 34 -9.26 15.19 18.45
CA TYR A 34 -10.67 15.10 18.05
C TYR A 34 -11.05 15.77 16.72
N ASP A 35 -10.66 17.03 16.48
CA ASP A 35 -11.05 17.63 15.23
C ASP A 35 -10.42 16.95 14.05
N GLU A 36 -9.21 16.41 14.22
CA GLU A 36 -8.62 15.77 13.06
C GLU A 36 -9.27 14.37 12.83
N ALA A 37 -9.55 13.68 13.94
CA ALA A 37 -10.10 12.35 13.83
C ALA A 37 -11.51 12.34 13.27
N ARG A 38 -12.26 13.41 13.46
CA ARG A 38 -13.66 13.41 13.03
C ARG A 38 -13.84 13.86 11.56
N ARG A 39 -12.75 14.35 10.96
CA ARG A 39 -12.78 14.78 9.58
C ARG A 39 -12.83 13.50 8.71
N ILE A 40 -13.65 13.51 7.66
CA ILE A 40 -13.68 12.43 6.65
C ILE A 40 -13.29 13.03 5.28
N TRP A 41 -13.13 12.18 4.29
CA TRP A 41 -12.66 12.62 2.94
C TRP A 41 -13.52 13.76 2.37
N ASN A 42 -14.83 13.59 2.48
CA ASN A 42 -15.76 14.66 2.11
C ASN A 42 -15.77 15.77 3.14
N GLY A 43 -14.97 16.81 2.87
CA GLY A 43 -14.75 17.96 3.74
C GLY A 43 -15.99 18.82 3.93
N THR A 44 -17.04 18.66 3.14
CA THR A 44 -18.32 19.38 3.37
C THR A 44 -19.07 18.85 4.61
N ILE A 45 -18.63 17.70 5.10
CA ILE A 45 -19.32 17.06 6.22
C ILE A 45 -18.59 17.43 7.50
N ASP A 46 -19.20 18.29 8.30
CA ASP A 46 -18.60 18.80 9.51
C ASP A 46 -19.51 18.34 10.69
N ARG A 47 -19.16 17.27 11.38
CA ARG A 47 -20.06 16.66 12.38
C ARG A 47 -19.25 16.32 13.64
N ARG A 48 -19.91 16.36 14.80
CA ARG A 48 -19.14 16.21 16.03
C ARG A 48 -19.72 15.05 16.84
N PRO A 49 -19.06 13.90 16.80
CA PRO A 49 -19.59 12.70 17.48
C PRO A 49 -19.46 12.90 19.01
N ALA A 50 -20.24 12.17 19.81
CA ALA A 50 -20.00 12.10 21.30
C ALA A 50 -18.68 11.40 21.59
N LEU A 51 -18.31 10.39 20.73
CA LEU A 51 -17.15 9.53 20.98
C LEU A 51 -16.70 8.91 19.70
N ILE A 52 -15.36 8.82 19.54
CA ILE A 52 -14.79 8.00 18.46
C ILE A 52 -14.10 6.83 19.14
N ALA A 53 -14.51 5.59 18.85
CA ALA A 53 -13.92 4.36 19.41
C ALA A 53 -13.07 3.72 18.31
N ARG A 54 -11.77 3.85 18.44
CA ARG A 54 -10.88 3.19 17.42
C ARG A 54 -10.67 1.75 17.84
N CYS A 55 -11.40 0.85 17.16
CA CYS A 55 -11.40 -0.55 17.53
C CYS A 55 -10.09 -1.19 17.02
N THR A 56 -9.62 -2.21 17.75
CA THR A 56 -8.39 -2.88 17.37
C THR A 56 -8.58 -4.39 17.20
N SER A 57 -9.82 -4.89 17.34
CA SER A 57 -10.05 -6.35 17.27
C SER A 57 -11.54 -6.53 17.14
N THR A 58 -11.95 -7.75 16.79
CA THR A 58 -13.38 -8.05 16.70
C THR A 58 -14.04 -7.85 18.08
N PRO A 59 -13.37 -8.32 19.16
CA PRO A 59 -14.05 -8.13 20.45
C PRO A 59 -14.29 -6.61 20.79
N ASP A 60 -13.36 -5.74 20.37
CA ASP A 60 -13.55 -4.25 20.48
C ASP A 60 -14.85 -3.80 19.77
N VAL A 61 -15.06 -4.24 18.53
CA VAL A 61 -16.29 -3.90 17.78
C VAL A 61 -17.55 -4.41 18.47
N VAL A 62 -17.52 -5.65 18.97
CA VAL A 62 -18.64 -6.18 19.78
C VAL A 62 -18.90 -5.21 20.92
N ALA A 63 -17.84 -4.76 21.61
CA ALA A 63 -18.02 -3.90 22.79
C ALA A 63 -18.61 -2.56 22.39
N ALA A 64 -18.11 -1.99 21.28
CA ALA A 64 -18.62 -0.68 20.84
C ALA A 64 -20.07 -0.76 20.36
N VAL A 65 -20.40 -1.82 19.65
CA VAL A 65 -21.79 -2.02 19.20
C VAL A 65 -22.70 -2.16 20.39
N SER A 66 -22.30 -2.97 21.38
CA SER A 66 -23.20 -3.19 22.56
C SER A 66 -23.42 -1.92 23.36
N PHE A 67 -22.33 -1.16 23.52
CA PHE A 67 -22.36 0.09 24.18
C PHE A 67 -23.27 1.12 23.49
N ALA A 68 -23.13 1.30 22.18
CA ALA A 68 -24.01 2.17 21.44
C ALA A 68 -25.48 1.76 21.55
N ARG A 69 -25.78 0.47 21.38
CA ARG A 69 -27.17 -0.03 21.44
C ARG A 69 -27.72 0.27 22.87
N LYS A 70 -26.94 -0.07 23.90
CA LYS A 70 -27.43 0.14 25.32
C LYS A 70 -27.54 1.63 25.63
N SER A 71 -26.67 2.45 25.01
CA SER A 71 -26.68 3.87 25.28
C SER A 71 -27.57 4.71 24.39
N GLY A 72 -28.16 4.13 23.34
CA GLY A 72 -28.96 4.92 22.36
C GLY A 72 -28.19 5.93 21.55
N LEU A 73 -26.90 5.64 21.28
CA LEU A 73 -26.08 6.56 20.52
C LEU A 73 -26.18 6.12 19.06
N LEU A 74 -26.37 7.12 18.19
CA LEU A 74 -26.45 6.92 16.71
C LEU A 74 -25.11 6.31 16.29
N VAL A 75 -25.12 5.21 15.54
CA VAL A 75 -23.87 4.53 15.18
C VAL A 75 -23.36 4.96 13.75
N ALA A 76 -22.17 5.56 13.69
CA ALA A 76 -21.44 5.67 12.42
C ALA A 76 -20.35 4.57 12.43
N VAL A 77 -20.22 3.91 11.30
CA VAL A 77 -19.14 2.96 11.13
C VAL A 77 -18.19 3.56 10.08
N ARG A 78 -16.93 3.55 10.41
CA ARG A 78 -15.90 4.13 9.54
C ARG A 78 -14.83 3.11 9.15
N GLY A 79 -14.65 2.88 7.82
CA GLY A 79 -13.51 2.05 7.38
C GLY A 79 -12.47 3.03 6.90
N GLY A 80 -12.50 3.42 5.63
CA GLY A 80 -11.48 4.38 5.08
C GLY A 80 -12.00 5.81 5.02
N GLY A 81 -13.25 6.05 5.45
CA GLY A 81 -13.76 7.43 5.53
C GLY A 81 -14.10 8.05 4.17
N HIS A 82 -14.19 7.22 3.10
CA HIS A 82 -14.44 7.76 1.74
C HIS A 82 -15.89 8.06 1.38
N SER A 83 -16.83 7.81 2.32
CA SER A 83 -18.28 7.95 1.95
C SER A 83 -18.58 9.26 1.22
N MET A 84 -19.10 9.15 -0.01
CA MET A 84 -19.51 10.40 -0.73
C MET A 84 -20.71 11.08 -0.05
N ALA A 85 -21.45 10.32 0.77
CA ALA A 85 -22.63 10.79 1.50
C ALA A 85 -22.30 11.26 2.92
N GLY A 86 -21.06 11.05 3.35
CA GLY A 86 -20.63 11.50 4.67
C GLY A 86 -21.07 10.59 5.78
N HIS A 87 -21.36 9.34 5.43
CA HIS A 87 -21.91 8.42 6.42
C HIS A 87 -21.02 8.02 7.58
N SER A 88 -19.71 8.15 7.45
CA SER A 88 -18.77 7.65 8.45
C SER A 88 -18.44 8.63 9.59
N VAL A 89 -19.23 9.71 9.70
CA VAL A 89 -19.18 10.53 10.93
C VAL A 89 -20.60 11.02 11.26
N CYS A 90 -20.89 11.21 12.56
CA CYS A 90 -22.25 11.53 12.96
C CYS A 90 -22.16 12.70 13.97
N ASP A 91 -23.24 13.46 14.11
CA ASP A 91 -23.32 14.44 15.21
C ASP A 91 -23.92 13.72 16.41
N GLY A 92 -23.23 13.72 17.56
CA GLY A 92 -23.81 13.34 18.88
C GLY A 92 -23.77 11.83 19.16
N GLY A 93 -23.27 11.04 18.22
CA GLY A 93 -23.31 9.56 18.38
C GLY A 93 -21.93 8.99 18.57
N ILE A 94 -21.74 7.76 18.14
CA ILE A 94 -20.48 7.13 18.30
C ILE A 94 -19.96 6.73 16.91
N VAL A 95 -18.68 6.96 16.68
CA VAL A 95 -18.05 6.44 15.47
C VAL A 95 -17.30 5.17 15.85
N ILE A 96 -17.78 4.04 15.35
CA ILE A 96 -17.06 2.76 15.50
C ILE A 96 -16.01 2.84 14.35
N ASP A 97 -14.82 3.33 14.68
CA ASP A 97 -13.80 3.63 13.67
C ASP A 97 -12.90 2.37 13.61
N LEU A 98 -12.83 1.75 12.43
CA LEU A 98 -12.08 0.50 12.18
C LEU A 98 -10.73 0.77 11.61
N SER A 99 -10.35 2.03 11.47
CA SER A 99 -9.15 2.29 10.64
C SER A 99 -7.84 1.67 11.25
N LEU A 100 -7.78 1.30 12.56
CA LEU A 100 -6.60 0.62 13.05
C LEU A 100 -6.61 -0.86 12.77
N MET A 101 -7.74 -1.40 12.27
CA MET A 101 -7.85 -2.83 11.96
C MET A 101 -7.52 -2.99 10.48
N ASN A 102 -6.21 -3.08 10.21
CA ASN A 102 -5.66 -2.95 8.85
C ASN A 102 -4.90 -4.25 8.56
N SER A 103 -5.03 -5.32 9.35
CA SER A 103 -4.15 -6.48 9.04
C SER A 103 -4.69 -7.32 7.84
N ILE A 104 -3.78 -8.00 7.12
CA ILE A 104 -4.22 -8.85 6.00
C ILE A 104 -3.39 -10.14 6.13
N LYS A 105 -4.01 -11.29 5.92
CA LYS A 105 -3.23 -12.51 5.87
C LYS A 105 -3.39 -13.01 4.46
N VAL A 106 -2.31 -13.48 3.83
CA VAL A 106 -2.39 -13.96 2.45
C VAL A 106 -1.79 -15.35 2.43
N SER A 107 -2.58 -16.32 1.99
CA SER A 107 -2.06 -17.64 1.66
C SER A 107 -1.74 -17.78 0.16
N ARG A 108 -0.45 -17.91 -0.16
CA ARG A 108 -0.05 -18.10 -1.56
C ARG A 108 -0.54 -19.45 -2.09
N ARG A 109 -0.49 -20.48 -1.25
CA ARG A 109 -0.85 -21.81 -1.71
C ARG A 109 -2.34 -21.90 -1.94
N LEU A 110 -3.12 -21.22 -1.09
CA LEU A 110 -4.58 -21.29 -1.23
C LEU A 110 -5.13 -20.15 -2.17
N ARG A 111 -4.25 -19.23 -2.62
CA ARG A 111 -4.68 -17.99 -3.31
C ARG A 111 -5.86 -17.34 -2.63
N ARG A 112 -5.66 -17.06 -1.34
CA ARG A 112 -6.72 -16.47 -0.51
C ARG A 112 -6.18 -15.37 0.35
N ALA A 113 -6.98 -14.34 0.67
CA ALA A 113 -6.55 -13.37 1.65
C ALA A 113 -7.67 -13.18 2.65
N ARG A 114 -7.30 -12.84 3.89
CA ARG A 114 -8.29 -12.42 4.87
C ARG A 114 -7.89 -11.05 5.37
N ALA A 115 -8.80 -10.11 5.22
CA ALA A 115 -8.42 -8.78 5.50
C ALA A 115 -9.41 -8.19 6.43
N GLN A 116 -8.89 -7.43 7.39
CA GLN A 116 -9.75 -6.79 8.37
C GLN A 116 -10.55 -5.64 7.78
N GLY A 117 -11.63 -5.30 8.47
CA GLY A 117 -12.65 -4.42 7.85
C GLY A 117 -12.22 -2.93 7.80
N GLY A 118 -11.07 -2.56 8.38
CA GLY A 118 -10.66 -1.15 8.38
C GLY A 118 -9.50 -0.95 7.33
N CYS A 119 -9.17 -1.98 6.55
CA CYS A 119 -8.00 -1.93 5.63
C CYS A 119 -8.19 -0.80 4.63
N LEU A 120 -7.06 -0.16 4.24
CA LEU A 120 -7.10 0.66 2.98
C LEU A 120 -6.73 -0.23 1.78
N LEU A 121 -7.26 0.08 0.58
CA LEU A 121 -6.93 -0.73 -0.60
C LEU A 121 -5.44 -0.93 -0.73
N GLY A 122 -4.66 0.15 -0.58
CA GLY A 122 -3.21 0.05 -0.84
C GLY A 122 -2.47 -0.91 0.08
N ALA A 123 -2.96 -1.01 1.34
CA ALA A 123 -2.41 -2.03 2.25
C ALA A 123 -2.71 -3.50 1.74
N PHE A 124 -3.93 -3.71 1.30
CA PHE A 124 -4.42 -5.00 0.79
C PHE A 124 -3.66 -5.31 -0.46
N ASP A 125 -3.53 -4.31 -1.38
CA ASP A 125 -2.80 -4.61 -2.61
C ASP A 125 -1.31 -4.91 -2.38
N THR A 126 -0.71 -4.16 -1.45
CA THR A 126 0.71 -4.40 -1.07
C THR A 126 0.83 -5.85 -0.59
N ALA A 127 -0.07 -6.24 0.31
CA ALA A 127 0.00 -7.60 0.91
C ALA A 127 -0.18 -8.74 -0.18
N THR A 128 -1.16 -8.61 -1.09
CA THR A 128 -1.34 -9.69 -2.06
C THR A 128 -0.24 -9.67 -3.17
N GLN A 129 0.17 -8.44 -3.51
CA GLN A 129 1.21 -8.32 -4.56
C GLN A 129 2.60 -8.80 -4.14
N ALA A 130 2.79 -9.02 -2.83
CA ALA A 130 4.01 -9.71 -2.34
C ALA A 130 4.11 -11.11 -2.97
N HIS A 131 2.96 -11.67 -3.32
CA HIS A 131 2.88 -12.96 -4.03
C HIS A 131 2.43 -12.94 -5.47
N MET A 132 2.48 -11.74 -6.11
CA MET A 132 1.99 -11.51 -7.44
C MET A 132 0.49 -11.85 -7.51
N LEU A 133 -0.27 -11.66 -6.43
CA LEU A 133 -1.71 -11.98 -6.40
C LEU A 133 -2.50 -10.72 -6.23
N ALA A 134 -3.78 -10.74 -6.63
CA ALA A 134 -4.64 -9.56 -6.49
C ALA A 134 -6.10 -10.01 -6.54
N THR A 135 -6.97 -9.13 -6.07
CA THR A 135 -8.36 -9.26 -6.45
C THR A 135 -8.94 -7.84 -6.69
N PRO A 136 -10.05 -7.77 -7.40
CA PRO A 136 -10.52 -6.36 -7.82
C PRO A 136 -10.92 -5.47 -6.69
N ALA A 137 -10.58 -4.18 -6.82
CA ALA A 137 -10.95 -3.20 -5.81
C ALA A 137 -10.92 -1.87 -6.53
N GLY A 138 -11.15 -0.76 -5.83
CA GLY A 138 -11.24 0.49 -6.50
C GLY A 138 -9.86 1.04 -6.95
N VAL A 139 -9.85 2.16 -7.62
CA VAL A 139 -8.60 2.63 -8.26
C VAL A 139 -7.84 3.69 -7.42
N VAL A 140 -8.35 4.14 -6.21
CA VAL A 140 -7.56 5.10 -5.41
C VAL A 140 -7.12 4.42 -4.09
N SER A 141 -5.79 4.30 -3.87
CA SER A 141 -5.27 3.36 -2.90
C SER A 141 -5.73 3.66 -1.44
N HIS A 142 -6.03 4.91 -1.13
CA HIS A 142 -6.45 5.23 0.29
C HIS A 142 -7.97 5.13 0.51
N THR A 143 -8.71 4.61 -0.48
CA THR A 143 -10.14 4.23 -0.22
C THR A 143 -10.19 3.07 0.80
N GLY A 144 -11.25 3.06 1.56
CA GLY A 144 -11.43 1.98 2.53
C GLY A 144 -11.89 0.71 1.80
N LEU A 145 -11.30 -0.46 2.13
CA LEU A 145 -11.84 -1.71 1.64
C LEU A 145 -13.29 -1.96 2.10
N GLY A 146 -13.60 -1.56 3.32
CA GLY A 146 -14.89 -1.89 3.95
C GLY A 146 -16.11 -1.37 3.23
N GLY A 147 -16.22 -0.04 3.07
CA GLY A 147 -17.42 0.47 2.42
C GLY A 147 -17.41 0.09 0.96
N LEU A 148 -16.22 0.02 0.36
CA LEU A 148 -16.10 -0.20 -1.13
C LEU A 148 -16.65 -1.63 -1.45
N VAL A 149 -16.19 -2.64 -0.69
CA VAL A 149 -16.64 -4.02 -0.94
C VAL A 149 -18.13 -4.20 -0.58
N LEU A 150 -18.64 -3.64 0.53
CA LEU A 150 -20.04 -3.90 0.84
C LEU A 150 -20.99 -3.30 -0.15
N GLY A 151 -20.56 -2.31 -0.88
CA GLY A 151 -21.44 -1.80 -1.96
C GLY A 151 -21.18 -2.45 -3.34
N GLY A 152 -20.18 -3.33 -3.43
CA GLY A 152 -19.90 -4.05 -4.71
C GLY A 152 -18.39 -3.96 -5.03
N GLY A 153 -17.90 -2.78 -5.43
CA GLY A 153 -16.45 -2.54 -5.61
C GLY A 153 -16.02 -2.83 -7.05
N PHE A 154 -15.70 -1.82 -7.80
CA PHE A 154 -15.16 -2.10 -9.16
C PHE A 154 -13.86 -1.31 -9.42
N GLY A 155 -12.98 -1.83 -10.26
CA GLY A 155 -11.83 -1.05 -10.62
C GLY A 155 -11.18 -1.73 -11.81
N TRP A 156 -9.88 -1.57 -11.90
CA TRP A 156 -9.17 -2.07 -13.12
C TRP A 156 -9.32 -3.54 -13.42
N LEU A 157 -9.40 -4.41 -12.37
CA LEU A 157 -9.53 -5.85 -12.53
C LEU A 157 -10.96 -6.31 -12.76
N SER A 158 -11.91 -5.39 -12.79
CA SER A 158 -13.30 -5.85 -12.77
C SER A 158 -13.83 -6.46 -14.06
N ARG A 159 -13.42 -5.95 -15.24
CA ARG A 159 -13.90 -6.53 -16.47
C ARG A 159 -13.40 -8.00 -16.60
N LYS A 160 -12.20 -8.27 -16.06
CA LYS A 160 -11.72 -9.58 -16.19
C LYS A 160 -12.22 -10.49 -15.01
N TYR A 161 -12.26 -9.94 -13.79
CA TYR A 161 -12.48 -10.82 -12.57
C TYR A 161 -13.70 -10.49 -11.73
N GLY A 162 -14.46 -9.50 -12.16
CA GLY A 162 -15.74 -9.17 -11.48
C GLY A 162 -15.56 -8.03 -10.44
N LEU A 163 -16.66 -7.76 -9.71
CA LEU A 163 -16.63 -6.86 -8.56
C LEU A 163 -15.83 -7.49 -7.45
N SER A 164 -15.45 -6.67 -6.49
CA SER A 164 -14.84 -7.17 -5.25
C SER A 164 -15.75 -8.27 -4.67
N ILE A 165 -17.07 -8.00 -4.65
CA ILE A 165 -17.97 -9.00 -4.03
C ILE A 165 -18.03 -10.31 -4.76
N ASP A 166 -17.63 -10.26 -6.06
CA ASP A 166 -17.61 -11.49 -6.88
C ASP A 166 -16.43 -12.38 -6.56
N ASN A 167 -15.53 -11.91 -5.73
CA ASN A 167 -14.42 -12.69 -5.26
C ASN A 167 -14.43 -12.92 -3.77
N LEU A 168 -15.50 -12.46 -3.12
CA LEU A 168 -15.63 -12.60 -1.69
C LEU A 168 -16.12 -14.01 -1.36
N THR A 169 -15.48 -14.75 -0.45
CA THR A 169 -15.96 -16.07 -0.10
C THR A 169 -16.61 -16.18 1.30
N SER A 170 -16.29 -15.25 2.23
CA SER A 170 -16.94 -15.20 3.51
C SER A 170 -16.64 -13.87 4.20
N VAL A 171 -17.43 -13.62 5.22
CA VAL A 171 -17.16 -12.46 6.06
C VAL A 171 -17.31 -12.85 7.52
N GLU A 172 -16.60 -12.16 8.40
CA GLU A 172 -16.99 -12.17 9.84
C GLU A 172 -17.73 -10.84 10.09
N ILE A 173 -18.90 -10.91 10.73
CA ILE A 173 -19.66 -9.71 10.91
C ILE A 173 -20.22 -9.63 12.33
N VAL A 174 -20.14 -8.42 12.91
CA VAL A 174 -20.74 -8.15 14.24
C VAL A 174 -22.15 -7.55 13.99
N THR A 175 -23.20 -8.24 14.42
CA THR A 175 -24.57 -7.79 14.14
C THR A 175 -25.05 -6.92 15.33
N ALA A 176 -26.21 -6.30 15.15
CA ALA A 176 -26.70 -5.25 16.04
C ALA A 176 -26.86 -5.77 17.46
N ASP A 177 -27.12 -7.06 17.62
CA ASP A 177 -27.34 -7.60 19.03
C ASP A 177 -26.04 -8.00 19.69
N GLY A 178 -24.92 -7.61 19.09
CA GLY A 178 -23.61 -7.92 19.62
C GLY A 178 -23.04 -9.28 19.27
N GLY A 179 -23.77 -10.12 18.51
CA GLY A 179 -23.31 -11.42 18.06
C GLY A 179 -22.24 -11.31 17.00
N VAL A 180 -21.34 -12.27 16.95
CA VAL A 180 -20.36 -12.40 15.83
C VAL A 180 -20.76 -13.56 14.94
N LEU A 181 -20.98 -13.33 13.64
CA LEU A 181 -21.43 -14.37 12.75
C LEU A 181 -20.44 -14.53 11.60
N THR A 182 -20.42 -15.72 11.01
CA THR A 182 -19.72 -15.93 9.73
C THR A 182 -20.78 -16.01 8.65
N ALA A 183 -20.59 -15.38 7.50
CA ALA A 183 -21.57 -15.54 6.44
C ALA A 183 -20.81 -15.95 5.18
N SER A 184 -21.32 -16.95 4.47
CA SER A 184 -20.68 -17.49 3.31
C SER A 184 -21.80 -18.14 2.51
N ASP A 185 -21.44 -18.79 1.41
CA ASP A 185 -22.41 -19.52 0.61
C ASP A 185 -23.12 -20.63 1.38
N THR A 186 -22.45 -21.15 2.37
CA THR A 186 -23.02 -22.22 3.18
C THR A 186 -23.30 -21.91 4.62
N GLU A 187 -23.02 -20.71 5.06
CA GLU A 187 -23.26 -20.33 6.45
C GLU A 187 -24.00 -18.98 6.44
N ASN A 188 -25.22 -18.94 7.01
CA ASN A 188 -26.08 -17.71 6.91
C ASN A 188 -26.08 -17.12 5.48
N PRO A 189 -26.43 -17.94 4.51
CA PRO A 189 -26.28 -17.51 3.12
C PRO A 189 -27.19 -16.30 2.78
N ASP A 190 -28.27 -16.08 3.55
CA ASP A 190 -29.16 -14.96 3.32
C ASP A 190 -28.41 -13.66 3.66
N LEU A 191 -27.70 -13.67 4.80
CA LEU A 191 -26.88 -12.52 5.18
C LEU A 191 -25.72 -12.34 4.16
N PHE A 192 -25.16 -13.45 3.69
CA PHE A 192 -24.05 -13.39 2.75
C PHE A 192 -24.47 -12.75 1.40
N TRP A 193 -25.68 -13.06 0.92
CA TRP A 193 -26.25 -12.41 -0.23
C TRP A 193 -26.35 -10.87 0.02
N ALA A 194 -26.81 -10.50 1.21
CA ALA A 194 -27.19 -9.05 1.45
C ALA A 194 -25.94 -8.22 1.66
N VAL A 195 -24.87 -8.79 2.24
CA VAL A 195 -23.65 -7.97 2.46
C VAL A 195 -22.91 -7.75 1.12
N ARG A 196 -23.26 -8.53 0.09
CA ARG A 196 -22.58 -8.41 -1.20
C ARG A 196 -23.38 -7.38 -1.97
N GLY A 197 -23.25 -6.13 -1.59
CA GLY A 197 -23.98 -5.05 -2.33
C GLY A 197 -24.93 -4.26 -1.41
N GLY A 198 -25.20 -4.78 -0.18
CA GLY A 198 -26.17 -4.11 0.78
C GLY A 198 -25.59 -3.14 1.75
N GLY A 199 -24.30 -2.82 1.55
CA GLY A 199 -23.67 -1.82 2.42
C GLY A 199 -23.46 -2.24 3.87
N GLY A 200 -23.35 -1.25 4.74
CA GLY A 200 -23.16 -1.49 6.19
C GLY A 200 -24.48 -1.78 6.91
N ASN A 201 -25.57 -2.03 6.16
CA ASN A 201 -26.92 -2.17 6.76
C ASN A 201 -27.05 -3.34 7.76
N PHE A 202 -26.17 -4.35 7.65
CA PHE A 202 -26.39 -5.63 8.36
C PHE A 202 -25.48 -5.94 9.51
N GLY A 203 -24.58 -5.03 9.80
CA GLY A 203 -23.54 -5.25 10.82
C GLY A 203 -22.19 -4.68 10.40
N VAL A 204 -21.24 -4.79 11.32
CA VAL A 204 -19.92 -4.29 11.13
C VAL A 204 -19.12 -5.46 10.67
N VAL A 205 -18.59 -5.38 9.44
CA VAL A 205 -17.73 -6.46 8.89
C VAL A 205 -16.31 -6.29 9.43
N THR A 206 -15.85 -7.26 10.25
CA THR A 206 -14.56 -7.18 10.83
C THR A 206 -13.51 -7.95 10.01
N ALA A 207 -13.93 -8.85 9.12
CA ALA A 207 -12.95 -9.60 8.29
C ALA A 207 -13.67 -10.00 6.99
N PHE A 208 -12.99 -9.79 5.86
CA PHE A 208 -13.40 -10.16 4.54
C PHE A 208 -12.42 -11.22 4.05
N GLU A 209 -12.94 -12.28 3.46
CA GLU A 209 -12.05 -13.30 2.86
C GLU A 209 -12.29 -13.34 1.39
N PHE A 210 -11.20 -13.27 0.61
CA PHE A 210 -11.29 -13.22 -0.86
C PHE A 210 -10.50 -14.32 -1.56
N ASP A 211 -11.00 -14.78 -2.71
CA ASP A 211 -10.15 -15.53 -3.62
C ASP A 211 -9.28 -14.55 -4.35
N LEU A 212 -8.06 -14.97 -4.67
CA LEU A 212 -7.12 -14.12 -5.38
C LEU A 212 -6.75 -14.69 -6.71
N HIS A 213 -6.23 -13.82 -7.57
CA HIS A 213 -5.77 -14.16 -8.94
C HIS A 213 -4.32 -13.75 -9.12
N ARG A 214 -3.62 -14.46 -10.01
CA ARG A 214 -2.26 -14.07 -10.31
C ARG A 214 -2.32 -12.93 -11.35
N VAL A 215 -1.74 -11.79 -10.99
CA VAL A 215 -1.74 -10.55 -11.83
C VAL A 215 -0.34 -10.03 -11.88
N GLY A 216 0.33 -10.29 -13.02
CA GLY A 216 1.69 -9.85 -13.20
C GLY A 216 1.62 -8.46 -13.88
N PRO A 217 2.76 -8.00 -14.43
CA PRO A 217 2.89 -6.63 -14.94
C PRO A 217 1.84 -6.34 -16.02
N VAL A 218 1.31 -5.12 -15.97
CA VAL A 218 0.16 -4.72 -16.84
C VAL A 218 0.65 -3.55 -17.72
N ARG A 219 0.35 -3.64 -19.01
CA ARG A 219 0.60 -2.54 -19.91
C ARG A 219 -0.52 -1.51 -19.62
N PHE A 220 -0.09 -0.27 -19.39
CA PHE A 220 -0.94 0.90 -19.06
C PHE A 220 -0.66 2.07 -19.98
N ALA A 221 -1.74 2.78 -20.32
CA ALA A 221 -1.61 4.04 -21.05
C ALA A 221 -2.58 5.11 -20.57
N SER A 222 -2.05 6.33 -20.60
CA SER A 222 -2.96 7.46 -20.42
C SER A 222 -2.62 8.54 -21.41
N THR A 223 -3.66 9.22 -21.89
CA THR A 223 -3.37 10.23 -22.93
C THR A 223 -4.54 11.25 -22.82
N TYR A 224 -4.43 12.38 -23.48
CA TYR A 224 -5.43 13.43 -23.31
C TYR A 224 -5.84 13.85 -24.73
N TYR A 225 -7.14 14.07 -24.92
CA TYR A 225 -7.60 14.58 -26.18
C TYR A 225 -8.25 15.91 -25.94
N SER A 226 -8.19 16.82 -26.93
CA SER A 226 -8.92 18.08 -26.77
C SER A 226 -10.38 17.79 -26.64
N LEU A 227 -11.10 18.57 -25.84
CA LEU A 227 -12.53 18.31 -25.67
C LEU A 227 -13.24 18.68 -26.97
N ASP A 228 -12.57 19.38 -27.91
CA ASP A 228 -13.19 19.59 -29.25
C ASP A 228 -13.45 18.30 -29.98
N GLU A 229 -12.63 17.25 -29.70
CA GLU A 229 -12.76 15.93 -30.33
C GLU A 229 -13.62 14.97 -29.56
N GLY A 230 -14.34 15.48 -28.55
CA GLY A 230 -15.23 14.69 -27.71
C GLY A 230 -16.18 13.80 -28.51
N PRO A 231 -16.76 14.37 -29.60
CA PRO A 231 -17.80 13.55 -30.24
C PRO A 231 -17.18 12.26 -30.77
N GLN A 232 -16.08 12.41 -31.54
CA GLN A 232 -15.45 11.21 -32.11
C GLN A 232 -14.78 10.29 -31.07
N VAL A 233 -14.16 10.89 -30.06
CA VAL A 233 -13.50 10.13 -28.98
C VAL A 233 -14.47 9.28 -28.20
N ILE A 234 -15.57 9.88 -27.80
CA ILE A 234 -16.58 9.14 -26.97
C ILE A 234 -17.26 8.09 -27.88
N ARG A 235 -17.58 8.43 -29.11
CA ARG A 235 -18.18 7.41 -30.04
C ARG A 235 -17.24 6.24 -30.31
N ALA A 236 -15.95 6.54 -30.55
CA ALA A 236 -14.92 5.44 -30.69
C ALA A 236 -14.89 4.52 -29.45
N TRP A 237 -14.85 5.15 -28.28
CA TRP A 237 -14.84 4.43 -26.99
C TRP A 237 -16.08 3.54 -26.80
N ARG A 238 -17.28 4.17 -26.96
CA ARG A 238 -18.56 3.46 -26.78
C ARG A 238 -18.60 2.23 -27.74
N ASP A 239 -18.22 2.45 -29.00
CA ASP A 239 -18.30 1.39 -30.04
C ASP A 239 -17.29 0.28 -29.80
N HIS A 240 -16.10 0.66 -29.31
CA HIS A 240 -15.02 -0.27 -29.17
C HIS A 240 -15.34 -1.15 -27.97
N MET A 241 -15.89 -0.52 -26.91
CA MET A 241 -16.06 -1.29 -25.67
C MET A 241 -17.17 -2.35 -25.80
N ALA A 242 -18.16 -2.11 -26.65
CA ALA A 242 -19.25 -3.06 -26.88
C ALA A 242 -18.72 -4.42 -27.28
N THR A 243 -17.57 -4.50 -27.92
CA THR A 243 -17.07 -5.84 -28.38
C THR A 243 -15.66 -6.12 -27.87
N ALA A 244 -15.22 -5.34 -26.88
CA ALA A 244 -13.80 -5.42 -26.52
C ALA A 244 -13.56 -6.69 -25.66
N PRO A 245 -12.32 -7.28 -25.73
CA PRO A 245 -11.96 -8.39 -24.79
C PRO A 245 -12.14 -7.94 -23.34
N ASP A 246 -12.50 -8.85 -22.44
CA ASP A 246 -12.54 -8.52 -21.02
C ASP A 246 -11.20 -7.92 -20.52
N GLU A 247 -10.08 -8.31 -21.15
CA GLU A 247 -8.73 -7.91 -20.68
C GLU A 247 -8.49 -6.39 -20.84
N LEU A 248 -9.25 -5.75 -21.73
CA LEU A 248 -9.12 -4.27 -21.91
C LEU A 248 -10.04 -3.49 -20.97
N THR A 249 -9.48 -2.55 -20.20
CA THR A 249 -10.32 -1.58 -19.49
C THR A 249 -9.92 -0.18 -20.02
N TRP A 250 -10.93 0.66 -20.30
CA TRP A 250 -10.66 1.96 -20.89
C TRP A 250 -11.69 2.92 -20.36
N ALA A 251 -11.24 3.93 -19.64
CA ALA A 251 -12.17 4.91 -18.92
C ALA A 251 -11.84 6.30 -19.43
N LEU A 252 -12.86 7.19 -19.47
CA LEU A 252 -12.69 8.61 -19.99
C LEU A 252 -13.01 9.57 -18.83
N TYR A 253 -12.12 10.55 -18.59
CA TYR A 253 -12.34 11.54 -17.52
C TYR A 253 -12.32 12.91 -18.19
N LEU A 254 -13.42 13.59 -18.11
CA LEU A 254 -13.51 14.86 -18.77
C LEU A 254 -13.25 15.88 -17.70
N ARG A 255 -12.26 16.74 -17.98
CA ARG A 255 -11.70 17.59 -16.89
C ARG A 255 -10.84 18.69 -17.47
N LEU A 256 -10.39 19.62 -16.61
CA LEU A 256 -9.43 20.61 -17.11
C LEU A 256 -8.05 19.93 -17.07
N ALA A 257 -7.25 20.10 -18.11
CA ALA A 257 -5.98 19.36 -18.20
C ALA A 257 -5.07 19.76 -17.09
N PRO A 258 -4.46 18.78 -16.39
CA PRO A 258 -3.52 19.11 -15.30
C PRO A 258 -2.24 19.70 -15.86
N PRO A 259 -1.58 20.58 -15.07
CA PRO A 259 -0.35 21.20 -15.52
C PRO A 259 0.83 20.23 -15.40
N LEU A 260 0.80 19.13 -16.16
CA LEU A 260 1.84 18.10 -16.09
C LEU A 260 2.84 18.27 -17.22
N PRO A 261 4.12 17.85 -17.01
CA PRO A 261 5.07 18.16 -18.05
C PRO A 261 4.89 17.37 -19.35
N GLU A 262 4.27 16.20 -19.29
CA GLU A 262 3.93 15.49 -20.53
C GLU A 262 2.98 16.29 -21.45
N LEU A 263 2.19 17.22 -20.93
CA LEU A 263 1.25 17.99 -21.74
C LEU A 263 1.85 19.34 -22.15
N PRO A 264 1.57 19.74 -23.38
CA PRO A 264 1.99 21.09 -23.76
C PRO A 264 1.39 22.15 -22.83
N ALA A 265 2.23 23.10 -22.39
CA ALA A 265 1.75 24.21 -21.53
C ALA A 265 0.48 24.91 -22.08
N ASP A 266 0.34 24.96 -23.40
CA ASP A 266 -0.82 25.63 -24.00
C ASP A 266 -2.15 24.83 -23.87
N MET A 267 -2.07 23.60 -23.36
CA MET A 267 -3.30 22.83 -22.98
C MET A 267 -3.63 22.87 -21.47
N HIS A 268 -2.70 23.32 -20.64
CA HIS A 268 -2.91 23.29 -19.14
C HIS A 268 -4.14 24.04 -18.82
N GLY A 269 -5.01 23.45 -17.99
CA GLY A 269 -6.20 24.11 -17.48
C GLY A 269 -7.34 24.24 -18.48
N LYS A 270 -7.17 23.73 -19.68
CA LYS A 270 -8.25 23.72 -20.68
C LYS A 270 -9.01 22.37 -20.73
N PRO A 271 -10.26 22.41 -21.23
CA PRO A 271 -11.14 21.23 -21.25
C PRO A 271 -10.54 20.12 -22.10
N VAL A 272 -10.40 18.96 -21.48
CA VAL A 272 -9.88 17.80 -22.23
C VAL A 272 -10.58 16.51 -21.84
N ILE A 273 -10.32 15.45 -22.59
CA ILE A 273 -10.70 14.13 -22.13
C ILE A 273 -9.40 13.40 -21.78
N CYS A 274 -9.33 12.93 -20.54
CA CYS A 274 -8.15 12.11 -20.16
C CYS A 274 -8.58 10.66 -20.29
N ALA A 275 -7.90 9.89 -21.14
CA ALA A 275 -8.29 8.51 -21.36
C ALA A 275 -7.25 7.66 -20.64
N MET A 276 -7.69 6.72 -19.76
CA MET A 276 -6.75 5.80 -19.08
C MET A 276 -7.15 4.39 -19.46
N SER A 277 -6.16 3.57 -19.84
CA SER A 277 -6.49 2.27 -20.33
C SER A 277 -5.47 1.31 -19.84
N CYS A 278 -5.84 0.05 -19.72
CA CYS A 278 -4.86 -0.98 -19.34
C CYS A 278 -5.28 -2.32 -19.96
N TRP A 279 -4.30 -3.22 -20.07
CA TRP A 279 -4.60 -4.58 -20.50
C TRP A 279 -4.27 -5.58 -19.40
N ILE A 280 -5.31 -6.24 -18.91
CA ILE A 280 -5.11 -7.19 -17.80
C ILE A 280 -4.77 -8.52 -18.44
N GLY A 281 -3.49 -8.78 -18.56
CA GLY A 281 -3.01 -9.94 -19.40
C GLY A 281 -1.57 -9.68 -19.84
N ASP A 282 -1.18 -10.42 -20.89
CA ASP A 282 0.22 -10.40 -21.31
C ASP A 282 0.55 -8.99 -21.84
N PRO A 283 1.73 -8.43 -21.47
CA PRO A 283 2.01 -7.02 -21.82
C PRO A 283 2.34 -6.81 -23.31
N HIS A 284 2.82 -7.85 -23.99
CA HIS A 284 2.99 -7.69 -25.47
C HIS A 284 1.65 -7.58 -26.16
N GLU A 285 0.69 -8.42 -25.77
CA GLU A 285 -0.66 -8.30 -26.28
C GLU A 285 -1.24 -6.95 -25.86
N GLY A 286 -1.08 -6.61 -24.60
CA GLY A 286 -1.53 -5.29 -24.13
C GLY A 286 -0.91 -4.14 -24.96
N GLU A 287 0.38 -4.18 -25.33
CA GLU A 287 0.93 -3.10 -26.15
C GLU A 287 0.15 -2.98 -27.48
N ARG A 288 -0.11 -4.12 -28.10
CA ARG A 288 -0.88 -4.14 -29.32
C ARG A 288 -2.32 -3.65 -29.16
N GLN A 289 -3.02 -4.04 -28.10
CA GLN A 289 -4.40 -3.62 -27.92
C GLN A 289 -4.48 -2.12 -27.58
N LEU A 290 -3.56 -1.66 -26.73
CA LEU A 290 -3.62 -0.19 -26.42
C LEU A 290 -3.23 0.68 -27.59
N GLU A 291 -2.21 0.28 -28.36
CA GLU A 291 -1.86 1.08 -29.56
C GLU A 291 -3.08 1.24 -30.45
N SER A 292 -3.94 0.23 -30.55
CA SER A 292 -5.12 0.33 -31.41
C SER A 292 -6.22 1.27 -30.93
N ILE A 293 -6.20 1.70 -29.67
CA ILE A 293 -7.23 2.63 -29.24
C ILE A 293 -6.70 4.02 -28.95
N LEU A 294 -5.39 4.19 -29.05
CA LEU A 294 -4.80 5.45 -28.65
C LEU A 294 -5.14 6.61 -29.60
N HIS A 295 -5.54 6.30 -30.85
CA HIS A 295 -5.90 7.38 -31.80
C HIS A 295 -7.41 7.63 -31.95
N ALA A 296 -8.19 7.40 -30.88
CA ALA A 296 -9.59 7.79 -30.79
C ALA A 296 -9.73 9.27 -31.14
N GLY A 297 -8.72 10.08 -30.76
CA GLY A 297 -8.60 11.49 -31.24
C GLY A 297 -7.11 11.74 -31.37
N LYS A 298 -6.69 12.99 -31.57
CA LYS A 298 -5.27 13.29 -31.65
C LYS A 298 -4.67 13.27 -30.20
N PRO A 299 -3.75 12.31 -29.92
CA PRO A 299 -3.26 12.08 -28.57
C PRO A 299 -2.24 13.14 -28.13
N HIS A 300 -2.39 13.64 -26.90
CA HIS A 300 -1.42 14.53 -26.30
C HIS A 300 -1.00 14.00 -24.95
N GLY A 301 0.23 14.28 -24.54
CA GLY A 301 0.63 13.88 -23.17
C GLY A 301 0.55 12.37 -22.88
N LEU A 302 0.91 11.58 -23.88
CA LEU A 302 0.84 10.13 -23.72
C LEU A 302 1.85 9.60 -22.73
N THR A 303 1.37 8.77 -21.78
CA THR A 303 2.29 8.05 -20.91
C THR A 303 1.96 6.57 -21.18
N LYS A 304 2.93 5.76 -21.57
CA LYS A 304 2.75 4.30 -21.64
C LYS A 304 3.79 3.65 -20.71
N ALA A 305 3.36 2.66 -19.95
CA ALA A 305 4.29 2.04 -19.01
C ALA A 305 3.89 0.58 -18.84
N THR A 306 4.88 -0.27 -18.56
CA THR A 306 4.50 -1.60 -17.99
C THR A 306 4.64 -1.61 -16.47
N LEU A 307 3.53 -1.80 -15.77
CA LEU A 307 3.52 -1.49 -14.29
C LEU A 307 3.24 -2.75 -13.55
N PRO A 308 3.93 -3.01 -12.39
CA PRO A 308 3.28 -3.96 -11.41
C PRO A 308 1.83 -3.58 -11.12
N TYR A 309 0.93 -4.54 -10.96
CA TYR A 309 -0.45 -4.18 -10.69
C TYR A 309 -0.49 -3.25 -9.44
N ARG A 310 0.39 -3.44 -8.47
CA ARG A 310 0.29 -2.56 -7.27
C ARG A 310 0.56 -1.09 -7.64
N ALA A 311 1.44 -0.87 -8.65
CA ALA A 311 1.69 0.49 -9.18
C ALA A 311 0.53 1.06 -10.01
N LEU A 312 -0.14 0.21 -10.79
CA LEU A 312 -1.38 0.63 -11.49
C LEU A 312 -2.38 1.12 -10.40
N GLN A 313 -2.56 0.31 -9.35
CA GLN A 313 -3.51 0.69 -8.27
C GLN A 313 -3.12 2.02 -7.61
N ALA A 314 -1.79 2.28 -7.49
CA ALA A 314 -1.34 3.52 -6.79
C ALA A 314 -1.34 4.75 -7.71
N TYR A 315 -1.57 4.55 -8.99
CA TYR A 315 -1.39 5.64 -9.98
C TYR A 315 -2.46 6.67 -9.92
N SER A 316 -3.73 6.28 -9.83
CA SER A 316 -4.80 7.28 -9.89
C SER A 316 -4.73 8.19 -8.64
N PHE A 317 -4.61 9.54 -8.82
CA PHE A 317 -4.27 10.28 -10.08
C PHE A 317 -3.07 11.20 -9.63
N PRO A 318 -2.05 11.41 -10.49
CA PRO A 318 -0.97 12.35 -10.07
C PRO A 318 -1.43 13.85 -9.97
N GLY A 319 -1.62 14.37 -8.77
CA GLY A 319 -2.00 15.74 -8.63
C GLY A 319 -1.27 16.28 -7.45
N ALA A 320 -1.10 17.62 -7.42
CA ALA A 320 -0.27 18.22 -6.39
C ALA A 320 -1.12 18.57 -5.14
N VAL A 321 -2.44 18.65 -5.30
CA VAL A 321 -3.35 18.97 -4.15
C VAL A 321 -4.50 17.97 -3.89
N VAL A 322 -4.79 17.73 -2.61
CA VAL A 322 -5.91 16.84 -2.25
C VAL A 322 -7.16 17.75 -2.14
N PRO A 323 -8.22 17.44 -2.90
CA PRO A 323 -9.41 18.29 -2.86
C PRO A 323 -10.06 18.10 -1.50
N ASP A 324 -10.47 19.17 -0.89
CA ASP A 324 -11.14 19.17 0.42
C ASP A 324 -12.66 18.91 0.38
N ARG A 325 -13.33 19.35 -0.66
CA ARG A 325 -14.84 19.43 -0.67
C ARG A 325 -15.29 18.71 -1.92
N ILE A 326 -16.30 17.86 -1.84
CA ILE A 326 -16.69 17.07 -3.02
C ILE A 326 -18.21 16.96 -3.07
N TYR A 327 -18.72 16.76 -4.28
CA TYR A 327 -20.15 16.51 -4.46
C TYR A 327 -20.33 15.73 -5.71
N THR A 328 -21.00 14.59 -5.61
CA THR A 328 -21.14 13.66 -6.77
C THR A 328 -22.57 13.41 -7.16
N LYS A 329 -22.80 13.27 -8.46
CA LYS A 329 -24.11 12.79 -8.98
C LYS A 329 -23.75 11.75 -10.01
N SER A 330 -24.30 10.56 -9.83
CA SER A 330 -23.89 9.41 -10.70
C SER A 330 -25.11 8.62 -11.14
N GLY A 331 -25.03 7.98 -12.33
CA GLY A 331 -26.05 6.91 -12.64
C GLY A 331 -25.44 5.97 -13.64
N TYR A 332 -26.17 4.88 -13.93
CA TYR A 332 -25.79 3.95 -14.99
C TYR A 332 -26.54 4.30 -16.28
N LEU A 333 -26.00 3.85 -17.40
CA LEU A 333 -26.71 3.92 -18.71
C LEU A 333 -26.67 2.54 -19.32
N ASN A 334 -27.79 2.14 -19.93
CA ASN A 334 -27.77 0.93 -20.72
C ASN A 334 -27.16 1.18 -22.08
N GLU A 335 -27.30 2.37 -22.59
CA GLU A 335 -26.67 2.61 -23.87
C GLU A 335 -26.26 4.06 -23.85
N LEU A 336 -25.27 4.45 -24.65
CA LEU A 336 -24.86 5.85 -24.54
C LEU A 336 -25.19 6.42 -25.92
N SER A 337 -26.32 7.06 -26.09
CA SER A 337 -26.73 7.55 -27.44
C SER A 337 -25.91 8.76 -27.84
N ASP A 338 -25.99 9.19 -29.11
CA ASP A 338 -25.36 10.41 -29.52
C ASP A 338 -25.95 11.61 -28.82
N GLU A 339 -27.24 11.58 -28.53
CA GLU A 339 -27.78 12.72 -27.75
C GLU A 339 -27.26 12.83 -26.29
N ALA A 340 -27.15 11.68 -25.61
CA ALA A 340 -26.55 11.70 -24.30
C ALA A 340 -25.10 12.16 -24.39
N THR A 341 -24.39 11.72 -25.45
CA THR A 341 -23.03 12.05 -25.60
C THR A 341 -22.91 13.58 -25.74
N ASP A 342 -23.79 14.18 -26.55
CA ASP A 342 -23.75 15.63 -26.71
C ASP A 342 -24.00 16.32 -25.35
N THR A 343 -24.94 15.80 -24.60
CA THR A 343 -25.25 16.34 -23.24
C THR A 343 -24.03 16.33 -22.35
N VAL A 344 -23.33 15.17 -22.29
CA VAL A 344 -22.11 15.10 -21.49
C VAL A 344 -21.08 16.10 -21.95
N LEU A 345 -20.91 16.29 -23.27
CA LEU A 345 -19.87 17.13 -23.71
C LEU A 345 -20.18 18.64 -23.39
N GLU A 346 -21.47 18.96 -23.45
CA GLU A 346 -21.93 20.36 -23.12
C GLU A 346 -21.66 20.66 -21.66
N HIS A 347 -22.03 19.71 -20.85
CA HIS A 347 -21.83 19.88 -19.41
C HIS A 347 -20.37 19.84 -19.03
N ALA A 348 -19.60 18.93 -19.64
CA ALA A 348 -18.12 18.97 -19.44
C ALA A 348 -17.47 20.31 -19.81
N ALA A 349 -17.93 20.91 -20.90
CA ALA A 349 -17.36 22.24 -21.31
C ALA A 349 -17.53 23.33 -20.26
N ASP A 350 -18.45 23.12 -19.31
CA ASP A 350 -18.70 24.09 -18.30
C ASP A 350 -17.82 23.88 -17.08
N ILE A 351 -16.97 22.83 -17.01
CA ILE A 351 -16.18 22.60 -15.80
C ILE A 351 -15.21 23.80 -15.57
N ALA A 352 -15.19 24.41 -14.44
CA ALA A 352 -14.27 25.57 -14.56
C ALA A 352 -13.27 25.66 -13.42
N SER A 353 -13.13 24.52 -12.79
CA SER A 353 -12.20 24.26 -11.72
C SER A 353 -11.37 22.97 -11.83
N PRO A 354 -10.12 23.05 -11.36
CA PRO A 354 -9.18 21.98 -11.72
C PRO A 354 -9.35 20.59 -11.16
N PHE A 355 -10.23 20.29 -10.15
CA PHE A 355 -10.28 19.01 -9.52
C PHE A 355 -11.56 18.22 -9.92
N THR A 356 -12.44 18.89 -10.61
CA THR A 356 -13.72 18.30 -10.99
C THR A 356 -13.55 17.45 -12.29
N GLN A 357 -14.27 16.33 -12.31
CA GLN A 357 -14.22 15.41 -13.47
C GLN A 357 -15.64 14.98 -13.76
N LEU A 358 -15.97 14.82 -15.03
CA LEU A 358 -17.13 14.04 -15.44
C LEU A 358 -16.56 12.71 -15.95
N GLU A 359 -16.82 11.64 -15.22
CA GLU A 359 -16.18 10.36 -15.55
C GLU A 359 -17.14 9.52 -16.41
N LEU A 360 -16.60 8.76 -17.34
CA LEU A 360 -17.38 7.81 -18.13
C LEU A 360 -16.66 6.46 -18.04
N LEU A 361 -17.33 5.52 -17.37
CA LEU A 361 -16.82 4.20 -17.16
C LEU A 361 -17.55 3.18 -17.97
N TYR A 362 -16.86 2.11 -18.36
CA TYR A 362 -17.56 0.99 -19.06
C TYR A 362 -17.20 -0.28 -18.21
N LEU A 363 -18.23 -0.90 -17.61
CA LEU A 363 -18.05 -2.11 -16.81
C LEU A 363 -18.34 -3.34 -17.72
N GLY A 364 -19.46 -4.04 -17.56
CA GLY A 364 -19.72 -5.20 -18.48
C GLY A 364 -18.69 -6.26 -18.20
N GLY A 365 -18.23 -7.03 -19.22
CA GLY A 365 -17.21 -8.13 -18.99
C GLY A 365 -17.74 -9.07 -17.90
N ALA A 366 -16.85 -9.46 -16.99
CA ALA A 366 -17.17 -10.45 -15.93
C ALA A 366 -18.31 -9.97 -14.99
N VAL A 367 -18.45 -8.64 -14.78
CA VAL A 367 -19.46 -8.07 -13.88
C VAL A 367 -20.84 -8.46 -14.41
N ALA A 368 -21.00 -8.37 -15.73
CA ALA A 368 -22.31 -8.68 -16.36
C ALA A 368 -22.63 -10.16 -16.57
N ARG A 369 -21.65 -10.99 -16.41
CA ARG A 369 -21.90 -12.44 -16.53
C ARG A 369 -22.41 -13.09 -15.26
N VAL A 370 -22.33 -12.40 -14.15
CA VAL A 370 -22.95 -12.91 -12.91
C VAL A 370 -24.49 -12.67 -12.92
N PRO A 371 -25.26 -13.76 -12.59
CA PRO A 371 -26.70 -13.55 -12.78
C PRO A 371 -27.16 -12.46 -11.80
N ASP A 372 -28.10 -11.65 -12.27
CA ASP A 372 -28.51 -10.44 -11.58
C ASP A 372 -29.01 -10.72 -10.11
N ASP A 373 -29.64 -11.87 -9.87
CA ASP A 373 -30.12 -12.14 -8.52
C ASP A 373 -29.05 -12.84 -7.63
N ALA A 374 -27.85 -13.02 -8.12
CA ALA A 374 -26.86 -13.75 -7.34
C ALA A 374 -26.29 -12.98 -6.15
N THR A 375 -26.44 -11.64 -6.14
CA THR A 375 -25.92 -10.84 -5.02
C THR A 375 -26.90 -9.70 -4.90
N ALA A 376 -26.67 -8.87 -3.87
CA ALA A 376 -27.47 -7.64 -3.68
C ALA A 376 -27.08 -6.50 -4.63
N TYR A 377 -25.97 -6.62 -5.36
CA TYR A 377 -25.53 -5.50 -6.28
C TYR A 377 -26.45 -5.37 -7.49
N PRO A 378 -27.03 -4.19 -7.69
CA PRO A 378 -27.97 -4.04 -8.79
C PRO A 378 -27.29 -3.47 -10.07
N ASN A 379 -27.93 -3.56 -11.23
CA ASN A 379 -27.44 -2.82 -12.43
C ASN A 379 -26.27 -3.55 -13.12
N ARG A 380 -26.07 -4.87 -12.91
CA ARG A 380 -24.92 -5.53 -13.55
C ARG A 380 -25.04 -5.45 -15.08
N GLN A 381 -26.29 -5.42 -15.58
CA GLN A 381 -26.47 -5.41 -17.03
C GLN A 381 -26.33 -4.04 -17.68
N SER A 382 -26.20 -2.98 -16.88
CA SER A 382 -25.92 -1.67 -17.47
C SER A 382 -24.39 -1.47 -17.59
N PRO A 383 -23.84 -1.36 -18.81
CA PRO A 383 -22.38 -1.25 -18.82
C PRO A 383 -21.77 0.10 -18.52
N PHE A 384 -22.51 1.16 -18.72
CA PHE A 384 -21.92 2.50 -18.57
C PHE A 384 -22.21 3.07 -17.17
N VAL A 385 -21.23 3.72 -16.57
CA VAL A 385 -21.50 4.59 -15.37
C VAL A 385 -20.97 5.97 -15.73
N THR A 386 -21.76 7.00 -15.43
CA THR A 386 -21.29 8.37 -15.54
C THR A 386 -21.33 8.98 -14.13
N ASN A 387 -20.31 9.73 -13.76
CA ASN A 387 -20.23 10.35 -12.42
C ASN A 387 -19.81 11.79 -12.66
N LEU A 388 -20.69 12.75 -12.36
CA LEU A 388 -20.37 14.13 -12.27
C LEU A 388 -19.71 14.36 -10.91
N ALA A 389 -18.36 14.36 -10.88
CA ALA A 389 -17.70 14.39 -9.57
C ALA A 389 -17.10 15.76 -9.36
N ALA A 390 -17.90 16.65 -8.79
CA ALA A 390 -17.35 17.99 -8.46
C ALA A 390 -16.39 17.93 -7.28
N ALA A 391 -15.33 18.70 -7.33
CA ALA A 391 -14.36 18.67 -6.21
C ALA A 391 -13.65 20.04 -6.24
N TRP A 392 -13.44 20.62 -5.05
CA TRP A 392 -12.95 21.98 -4.98
C TRP A 392 -12.42 22.24 -3.56
N MET A 393 -12.03 23.46 -3.30
CA MET A 393 -11.40 23.80 -2.03
C MET A 393 -12.16 24.81 -1.16
N ASP A 394 -12.62 25.86 -1.77
CA ASP A 394 -13.19 27.02 -1.05
C ASP A 394 -14.71 26.87 -0.71
N PRO A 395 -15.09 26.85 0.60
CA PRO A 395 -16.48 26.63 1.00
C PRO A 395 -17.39 27.67 0.43
N THR A 396 -16.88 28.85 0.03
CA THR A 396 -17.78 29.88 -0.49
C THR A 396 -18.24 29.47 -1.90
N GLU A 397 -17.61 28.44 -2.50
CA GLU A 397 -17.93 28.06 -3.85
C GLU A 397 -18.92 26.87 -3.86
N ASP A 398 -19.35 26.40 -2.68
CA ASP A 398 -20.10 25.14 -2.58
C ASP A 398 -21.37 25.20 -3.51
N ALA A 399 -22.09 26.35 -3.54
CA ALA A 399 -23.36 26.36 -4.26
C ALA A 399 -23.10 26.20 -5.71
N ARG A 400 -22.03 26.80 -6.21
CA ARG A 400 -21.71 26.79 -7.64
C ARG A 400 -21.30 25.39 -8.13
N HIS A 401 -20.43 24.74 -7.36
CA HIS A 401 -20.01 23.41 -7.83
C HIS A 401 -21.15 22.37 -7.74
N THR A 402 -21.92 22.44 -6.65
CA THR A 402 -23.02 21.60 -6.41
C THR A 402 -24.11 21.75 -7.55
N ALA A 403 -24.41 22.99 -7.89
CA ALA A 403 -25.34 23.28 -9.03
C ALA A 403 -24.83 22.66 -10.31
N TRP A 404 -23.52 22.70 -10.53
CA TRP A 404 -23.00 22.16 -11.83
C TRP A 404 -23.35 20.64 -11.93
N ALA A 405 -23.17 19.94 -10.82
CA ALA A 405 -23.33 18.50 -10.86
C ALA A 405 -24.82 18.22 -10.98
N ARG A 406 -25.66 18.91 -10.19
CA ARG A 406 -27.13 18.68 -10.27
C ARG A 406 -27.74 19.02 -11.63
N GLU A 407 -27.26 20.10 -12.26
CA GLU A 407 -27.65 20.46 -13.63
C GLU A 407 -27.29 19.40 -14.69
N GLY A 408 -26.09 18.88 -14.62
CA GLY A 408 -25.71 17.80 -15.53
C GLY A 408 -26.53 16.53 -15.31
N TYR A 409 -26.72 16.18 -14.03
CA TYR A 409 -27.51 14.98 -13.69
C TYR A 409 -28.97 15.14 -14.25
N ARG A 410 -29.62 16.27 -14.00
CA ARG A 410 -30.99 16.48 -14.51
C ARG A 410 -31.02 16.45 -16.06
N ALA A 411 -29.99 16.93 -16.70
CA ALA A 411 -30.02 16.97 -18.20
C ALA A 411 -29.91 15.56 -18.72
N LEU A 412 -29.23 14.68 -17.98
CA LEU A 412 -28.97 13.29 -18.42
C LEU A 412 -30.06 12.33 -17.95
N ALA A 413 -30.94 12.83 -17.08
CA ALA A 413 -31.77 11.94 -16.29
C ALA A 413 -32.63 10.93 -17.08
N GLY A 414 -33.20 11.37 -18.21
CA GLY A 414 -33.88 10.49 -19.20
C GLY A 414 -33.05 9.29 -19.70
N HIS A 415 -31.72 9.40 -19.64
CA HIS A 415 -30.83 8.33 -20.15
C HIS A 415 -30.33 7.44 -19.05
N LEU A 416 -30.46 7.88 -17.78
CA LEU A 416 -29.88 7.19 -16.63
C LEU A 416 -30.81 6.17 -15.98
N SER A 417 -30.23 5.08 -15.44
CA SER A 417 -31.02 4.22 -14.56
C SER A 417 -30.23 3.80 -13.32
N GLY A 418 -30.92 3.43 -12.27
CA GLY A 418 -30.29 3.01 -11.03
C GLY A 418 -29.28 4.02 -10.51
N GLY A 419 -28.25 3.52 -9.86
CA GLY A 419 -27.23 4.37 -9.26
C GLY A 419 -26.41 3.37 -8.50
N TYR A 420 -25.12 3.68 -8.31
CA TYR A 420 -24.26 2.84 -7.48
C TYR A 420 -24.36 3.46 -6.14
N VAL A 421 -24.66 2.63 -5.12
CA VAL A 421 -24.80 3.15 -3.77
C VAL A 421 -23.54 3.82 -3.28
N ASN A 422 -22.37 3.40 -3.78
CA ASN A 422 -21.17 3.99 -3.28
C ASN A 422 -20.77 5.35 -3.93
N PHE A 423 -21.59 5.84 -4.88
CA PHE A 423 -21.39 7.18 -5.40
C PHE A 423 -22.47 8.14 -5.00
N MET A 424 -23.30 7.78 -4.02
CA MET A 424 -24.41 8.64 -3.59
C MET A 424 -23.90 9.83 -2.73
N ASN A 425 -24.57 10.99 -2.85
CA ASN A 425 -24.16 12.20 -2.11
C ASN A 425 -25.04 12.36 -0.85
N PRO A 426 -24.72 13.35 0.00
CA PRO A 426 -25.39 13.35 1.37
C PRO A 426 -26.87 13.68 1.25
N GLY A 427 -27.30 14.17 0.10
CA GLY A 427 -28.72 14.44 -0.15
C GLY A 427 -29.49 13.36 -0.87
N GLU A 428 -28.91 12.18 -1.09
CA GLU A 428 -29.58 11.13 -1.94
C GLU A 428 -30.16 9.93 -1.15
N ALA A 429 -30.60 10.16 0.09
CA ALA A 429 -31.23 9.05 0.89
C ALA A 429 -32.41 8.46 0.12
N ASP A 430 -33.09 9.33 -0.62
CA ASP A 430 -34.34 8.99 -1.34
C ASP A 430 -34.08 8.10 -2.60
N ARG A 431 -32.82 7.93 -3.00
CA ARG A 431 -32.46 7.14 -4.21
C ARG A 431 -32.30 5.63 -3.98
N THR A 432 -32.31 5.22 -2.72
CA THR A 432 -32.05 3.81 -2.38
C THR A 432 -32.97 2.80 -3.07
N ARG A 433 -34.29 2.99 -3.02
CA ARG A 433 -35.22 2.03 -3.72
C ARG A 433 -35.00 1.94 -5.24
N GLU A 434 -34.79 3.07 -5.89
CA GLU A 434 -34.54 3.02 -7.34
C GLU A 434 -33.16 2.49 -7.69
N ALA A 435 -32.16 2.72 -6.83
CA ALA A 435 -30.87 2.11 -7.07
C ALA A 435 -30.96 0.55 -7.06
N TYR A 436 -31.59 -0.08 -6.06
CA TYR A 436 -31.65 -1.52 -5.99
C TYR A 436 -32.72 -2.12 -6.88
N GLY A 437 -33.76 -1.38 -7.11
CA GLY A 437 -35.01 -1.88 -7.77
C GLY A 437 -35.91 -2.59 -6.75
N ALA A 438 -37.20 -2.78 -7.08
CA ALA A 438 -38.18 -3.30 -6.14
C ALA A 438 -37.95 -4.71 -5.65
N ALA A 439 -37.58 -5.65 -6.51
CA ALA A 439 -37.33 -7.01 -5.97
C ALA A 439 -36.16 -7.12 -4.98
N LYS A 440 -35.01 -6.51 -5.31
CA LYS A 440 -33.84 -6.57 -4.45
C LYS A 440 -34.11 -5.82 -3.16
N PHE A 441 -34.72 -4.64 -3.28
CA PHE A 441 -35.00 -3.83 -2.09
C PHE A 441 -35.91 -4.58 -1.13
N GLU A 442 -36.96 -5.25 -1.64
CA GLU A 442 -37.79 -6.11 -0.78
C GLU A 442 -37.02 -7.22 -0.12
N ARG A 443 -36.19 -7.94 -0.88
CA ARG A 443 -35.46 -9.06 -0.32
C ARG A 443 -34.48 -8.52 0.72
N LEU A 444 -33.78 -7.43 0.39
CA LEU A 444 -32.89 -6.72 1.39
C LEU A 444 -33.69 -6.32 2.64
N GLN A 445 -34.91 -5.82 2.48
CA GLN A 445 -35.68 -5.52 3.72
C GLN A 445 -35.99 -6.71 4.62
N GLY A 446 -36.31 -7.87 4.03
CA GLY A 446 -36.42 -9.13 4.75
C GLY A 446 -35.17 -9.50 5.53
N VAL A 447 -34.01 -9.38 4.92
CA VAL A 447 -32.79 -9.75 5.59
C VAL A 447 -32.54 -8.75 6.73
N LYS A 448 -32.85 -7.46 6.48
CA LYS A 448 -32.73 -6.42 7.50
C LYS A 448 -33.62 -6.72 8.73
N ALA A 449 -34.83 -7.18 8.47
CA ALA A 449 -35.81 -7.47 9.60
C ALA A 449 -35.24 -8.56 10.47
N LYS A 450 -34.49 -9.47 9.85
CA LYS A 450 -33.91 -10.59 10.60
C LYS A 450 -32.66 -10.18 11.39
N TYR A 451 -31.74 -9.45 10.74
CA TYR A 451 -30.41 -9.17 11.37
C TYR A 451 -30.26 -7.78 11.99
N ASP A 452 -31.05 -6.80 11.55
CA ASP A 452 -31.01 -5.47 12.19
C ASP A 452 -32.42 -4.90 12.30
N PRO A 453 -33.25 -5.60 13.09
CA PRO A 453 -34.66 -5.23 13.13
C PRO A 453 -34.94 -3.83 13.68
N THR A 454 -34.06 -3.30 14.51
CA THR A 454 -34.18 -1.91 15.06
C THR A 454 -33.48 -0.84 14.23
N ASN A 455 -32.86 -1.28 13.11
CA ASN A 455 -32.21 -0.30 12.24
C ASN A 455 -31.13 0.44 13.01
N LEU A 456 -30.38 -0.30 13.84
CA LEU A 456 -29.24 0.32 14.54
C LEU A 456 -28.18 0.94 13.54
N PHE A 457 -27.96 0.26 12.42
CA PHE A 457 -26.99 0.67 11.38
C PHE A 457 -27.78 1.35 10.25
N ARG A 458 -27.88 2.66 10.35
CA ARG A 458 -28.62 3.43 9.38
C ARG A 458 -27.83 4.62 8.80
N LEU A 459 -26.54 4.76 9.13
CA LEU A 459 -25.70 5.69 8.40
C LEU A 459 -25.01 4.96 7.24
N ASN A 460 -25.80 4.85 6.15
CA ASN A 460 -25.44 4.10 4.96
C ASN A 460 -26.61 4.38 4.01
N GLN A 461 -26.53 3.89 2.79
CA GLN A 461 -27.72 3.99 1.92
C GLN A 461 -28.70 3.01 2.48
N ASN A 462 -29.65 3.55 3.23
CA ASN A 462 -30.27 2.71 4.28
C ASN A 462 -31.45 1.92 3.75
N ILE A 463 -31.54 0.67 4.21
CA ILE A 463 -32.61 -0.26 3.90
C ILE A 463 -33.41 -0.46 5.23
N PRO A 464 -34.56 0.22 5.39
CA PRO A 464 -35.32 -0.04 6.65
C PRO A 464 -35.90 -1.46 6.66
N PRO A 465 -35.99 -2.10 7.79
CA PRO A 465 -36.45 -3.53 7.87
C PRO A 465 -37.89 -3.80 7.37
N GLN B 6 11.99 -28.38 18.13
CA GLN B 6 10.65 -28.29 17.35
C GLN B 6 9.33 -28.69 18.08
N PHE B 7 9.35 -29.82 18.79
CA PHE B 7 8.40 -30.05 19.89
C PHE B 7 9.21 -30.14 21.21
N PRO B 8 9.79 -29.02 21.70
CA PRO B 8 10.37 -29.10 23.03
C PRO B 8 9.31 -29.16 24.16
N GLN B 9 9.61 -29.83 25.27
CA GLN B 9 8.64 -29.82 26.35
C GLN B 9 8.66 -28.41 26.92
N LEU B 10 7.49 -27.81 27.02
CA LEU B 10 7.35 -26.50 27.60
C LEU B 10 6.68 -26.68 28.94
N ASP B 11 6.85 -25.72 29.83
CA ASP B 11 6.12 -25.79 31.08
C ASP B 11 4.62 -25.50 30.90
N PRO B 12 3.74 -26.43 31.36
CA PRO B 12 2.31 -26.22 31.06
C PRO B 12 1.70 -24.98 31.74
N ALA B 13 2.00 -24.73 33.02
CA ALA B 13 1.56 -23.49 33.67
C ALA B 13 2.10 -22.21 32.99
N THR B 14 3.35 -22.22 32.55
CA THR B 14 3.90 -21.04 31.90
C THR B 14 3.30 -20.83 30.49
N LEU B 15 2.93 -21.93 29.84
CA LEU B 15 2.23 -21.91 28.55
C LEU B 15 0.76 -21.43 28.67
N ALA B 16 0.04 -21.92 29.68
CA ALA B 16 -1.33 -21.45 29.86
C ALA B 16 -1.38 -19.99 30.28
N ALA B 17 -0.37 -19.54 31.05
CA ALA B 17 -0.30 -18.12 31.44
C ALA B 17 -0.09 -17.25 30.16
N PHE B 18 0.82 -17.72 29.33
CA PHE B 18 1.08 -17.06 28.05
C PHE B 18 -0.22 -17.00 27.23
N SER B 19 -0.79 -18.17 26.94
CA SER B 19 -2.12 -18.23 26.28
C SER B 19 -3.24 -17.37 26.91
N ALA B 20 -3.39 -17.34 28.24
CA ALA B 20 -4.42 -16.42 28.78
C ALA B 20 -4.10 -14.94 28.50
N ALA B 21 -2.82 -14.62 28.46
CA ALA B 21 -2.38 -13.24 28.30
C ALA B 21 -2.37 -12.79 26.81
N PHE B 22 -2.34 -13.73 25.91
CA PHE B 22 -2.03 -13.41 24.49
C PHE B 22 -3.31 -13.38 23.69
N ARG B 23 -3.53 -12.35 22.87
CA ARG B 23 -4.79 -12.20 22.20
C ARG B 23 -4.66 -12.59 20.71
N GLY B 24 -3.43 -12.74 20.25
CA GLY B 24 -3.15 -13.03 18.86
C GLY B 24 -3.25 -14.48 18.54
N GLU B 25 -2.63 -14.93 17.46
CA GLU B 25 -2.79 -16.31 17.00
C GLU B 25 -1.53 -17.11 17.21
N LEU B 26 -1.65 -18.36 17.69
CA LEU B 26 -0.45 -19.19 17.78
C LEU B 26 -0.49 -20.18 16.67
N ILE B 27 0.65 -20.43 16.03
CA ILE B 27 0.69 -21.42 14.96
C ILE B 27 1.72 -22.46 15.36
N TRP B 28 1.28 -23.72 15.53
CA TRP B 28 2.17 -24.76 16.01
C TRP B 28 2.65 -25.61 14.87
N PRO B 29 3.64 -26.47 15.09
CA PRO B 29 4.15 -27.21 13.93
C PRO B 29 3.17 -28.19 13.26
N SER B 30 2.13 -28.61 13.97
CA SER B 30 1.14 -29.56 13.48
C SER B 30 0.11 -28.86 12.62
N ASP B 31 0.05 -27.54 12.70
CA ASP B 31 -0.99 -26.75 12.00
C ASP B 31 -0.84 -26.72 10.50
N ALA B 32 -1.99 -26.78 9.82
CA ALA B 32 -2.07 -26.70 8.35
C ALA B 32 -1.28 -25.55 7.76
N ASP B 33 -1.32 -24.41 8.41
CA ASP B 33 -0.61 -23.21 7.92
C ASP B 33 0.84 -23.01 8.38
N TYR B 34 1.36 -23.96 9.16
CA TYR B 34 2.74 -23.82 9.67
C TYR B 34 3.77 -23.71 8.54
N ASP B 35 3.73 -24.59 7.54
CA ASP B 35 4.80 -24.53 6.52
C ASP B 35 4.81 -23.18 5.77
N GLU B 36 3.62 -22.69 5.42
CA GLU B 36 3.55 -21.33 4.84
C GLU B 36 3.95 -20.21 5.79
N ALA B 37 3.48 -20.25 7.07
CA ALA B 37 3.82 -19.18 8.00
C ALA B 37 5.32 -19.11 8.27
N ARG B 38 6.04 -20.24 8.19
CA ARG B 38 7.46 -20.25 8.53
C ARG B 38 8.35 -19.87 7.36
N ARG B 39 7.77 -19.72 6.14
CA ARG B 39 8.56 -19.35 4.94
C ARG B 39 8.86 -17.84 5.06
N ILE B 40 10.06 -17.41 4.70
CA ILE B 40 10.39 -16.00 4.69
C ILE B 40 10.86 -15.66 3.27
N TRP B 41 11.12 -14.41 2.96
CA TRP B 41 11.36 -14.08 1.53
C TRP B 41 12.60 -14.81 0.94
N ASN B 42 13.65 -15.00 1.75
CA ASN B 42 14.81 -15.75 1.34
C ASN B 42 14.44 -17.23 1.45
N GLY B 43 13.99 -17.82 0.36
CA GLY B 43 13.49 -19.21 0.40
C GLY B 43 14.62 -20.19 0.55
N THR B 44 15.90 -19.76 0.56
CA THR B 44 17.00 -20.71 0.85
C THR B 44 16.99 -21.06 2.36
N ILE B 45 16.22 -20.29 3.13
CA ILE B 45 16.18 -20.48 4.58
C ILE B 45 15.03 -21.36 4.91
N ASP B 46 15.33 -22.56 5.41
CA ASP B 46 14.25 -23.50 5.70
C ASP B 46 14.39 -23.92 7.15
N ARG B 47 13.59 -23.33 8.04
CA ARG B 47 13.77 -23.53 9.44
C ARG B 47 12.46 -23.81 10.08
N ARG B 48 12.51 -24.44 11.27
CA ARG B 48 11.32 -24.99 11.85
C ARG B 48 11.14 -24.58 13.29
N PRO B 49 10.41 -23.49 13.52
CA PRO B 49 10.22 -22.99 14.86
C PRO B 49 9.33 -23.95 15.67
N ALA B 50 9.51 -23.94 16.98
CA ALA B 50 8.62 -24.64 17.89
C ALA B 50 7.28 -23.93 17.94
N LEU B 51 7.27 -22.59 17.72
CA LEU B 51 6.01 -21.85 17.77
C LEU B 51 6.14 -20.56 16.99
N ILE B 52 5.07 -20.17 16.32
CA ILE B 52 4.96 -18.85 15.74
C ILE B 52 3.82 -18.11 16.47
N ALA B 53 4.14 -16.99 17.10
CA ALA B 53 3.15 -16.25 17.85
C ALA B 53 2.84 -14.97 17.04
N ARG B 54 1.66 -14.88 16.44
CA ARG B 54 1.33 -13.68 15.61
C ARG B 54 0.71 -12.65 16.51
N CYS B 55 1.49 -11.70 16.95
CA CYS B 55 1.08 -10.66 17.90
C CYS B 55 0.16 -9.65 17.27
N THR B 56 -0.75 -9.10 18.09
CA THR B 56 -1.79 -8.17 17.62
C THR B 56 -1.78 -6.86 18.40
N SER B 57 -0.80 -6.73 19.29
CA SER B 57 -0.79 -5.53 20.16
C SER B 57 0.51 -5.51 20.93
N THR B 58 0.78 -4.40 21.60
CA THR B 58 2.00 -4.37 22.39
C THR B 58 1.89 -5.34 23.57
N PRO B 59 0.69 -5.41 24.23
CA PRO B 59 0.70 -6.42 25.28
C PRO B 59 0.96 -7.85 24.75
N ASP B 60 0.55 -8.16 23.50
CA ASP B 60 0.85 -9.49 22.93
C ASP B 60 2.39 -9.71 22.90
N VAL B 61 3.10 -8.66 22.45
CA VAL B 61 4.53 -8.73 22.25
C VAL B 61 5.17 -8.92 23.67
N VAL B 62 4.69 -8.17 24.66
CA VAL B 62 5.28 -8.28 26.02
C VAL B 62 5.07 -9.71 26.47
N ALA B 63 3.87 -10.25 26.25
CA ALA B 63 3.55 -11.63 26.73
C ALA B 63 4.43 -12.66 25.99
N ALA B 64 4.69 -12.45 24.70
CA ALA B 64 5.54 -13.42 23.91
C ALA B 64 7.00 -13.31 24.33
N VAL B 65 7.45 -12.07 24.58
CA VAL B 65 8.87 -11.87 24.98
C VAL B 65 9.12 -12.61 26.30
N SER B 66 8.23 -12.36 27.24
CA SER B 66 8.35 -12.91 28.58
C SER B 66 8.25 -14.42 28.53
N PHE B 67 7.29 -14.94 27.78
CA PHE B 67 7.19 -16.40 27.59
C PHE B 67 8.46 -17.02 26.99
N ALA B 68 9.06 -16.31 26.02
CA ALA B 68 10.28 -16.84 25.44
C ALA B 68 11.41 -16.87 26.49
N ARG B 69 11.49 -15.78 27.26
CA ARG B 69 12.59 -15.61 28.26
C ARG B 69 12.45 -16.73 29.25
N LYS B 70 11.26 -16.87 29.87
CA LYS B 70 10.99 -17.96 30.83
C LYS B 70 11.25 -19.35 30.28
N SER B 71 10.83 -19.57 29.05
CA SER B 71 10.83 -20.90 28.46
C SER B 71 12.22 -21.29 27.90
N GLY B 72 13.12 -20.32 27.88
CA GLY B 72 14.43 -20.56 27.26
C GLY B 72 14.38 -20.71 25.73
N LEU B 73 13.34 -20.22 25.07
CA LEU B 73 13.27 -20.35 23.59
C LEU B 73 14.04 -19.28 22.83
N LEU B 74 14.79 -19.72 21.80
CA LEU B 74 15.55 -18.81 20.93
C LEU B 74 14.55 -17.87 20.25
N VAL B 75 14.77 -16.56 20.33
CA VAL B 75 13.81 -15.58 19.79
C VAL B 75 14.14 -15.04 18.36
N ALA B 76 13.23 -15.28 17.41
CA ALA B 76 13.27 -14.67 16.07
C ALA B 76 12.18 -13.61 16.15
N VAL B 77 12.46 -12.42 15.63
CA VAL B 77 11.39 -11.42 15.51
C VAL B 77 11.19 -11.17 14.01
N ARG B 78 9.92 -11.09 13.62
CA ARG B 78 9.59 -10.95 12.18
C ARG B 78 8.74 -9.72 11.99
N GLY B 79 9.20 -8.86 11.09
CA GLY B 79 8.41 -7.73 10.66
C GLY B 79 7.79 -8.07 9.31
N GLY B 80 8.49 -7.77 8.23
CA GLY B 80 7.95 -8.18 6.90
C GLY B 80 8.67 -9.38 6.26
N GLY B 81 9.62 -9.98 7.01
CA GLY B 81 10.22 -11.24 6.56
C GLY B 81 11.30 -11.08 5.50
N HIS B 82 11.75 -9.83 5.20
CA HIS B 82 12.71 -9.58 4.16
C HIS B 82 14.20 -9.87 4.50
N SER B 83 14.52 -10.35 5.71
CA SER B 83 15.97 -10.54 6.09
C SER B 83 16.76 -11.31 5.04
N MET B 84 17.75 -10.63 4.43
CA MET B 84 18.63 -11.32 3.52
C MET B 84 19.44 -12.43 4.24
N ALA B 85 19.58 -12.32 5.55
CA ALA B 85 20.38 -13.34 6.32
C ALA B 85 19.46 -14.43 6.94
N GLY B 86 18.15 -14.32 6.70
CA GLY B 86 17.21 -15.30 7.23
C GLY B 86 16.92 -15.20 8.74
N HIS B 87 17.12 -14.01 9.33
CA HIS B 87 16.97 -13.83 10.78
C HIS B 87 15.58 -13.95 11.33
N SER B 88 14.55 -13.77 10.51
CA SER B 88 13.13 -13.76 11.00
C SER B 88 12.50 -15.14 11.12
N VAL B 89 13.28 -16.20 11.05
CA VAL B 89 12.77 -17.57 11.38
C VAL B 89 13.90 -18.34 12.06
N CYS B 90 13.55 -19.26 12.98
CA CYS B 90 14.58 -19.97 13.77
C CYS B 90 14.16 -21.46 13.77
N ASP B 91 15.15 -22.34 13.98
CA ASP B 91 14.87 -23.72 14.25
C ASP B 91 14.65 -23.86 15.74
N GLY B 92 13.49 -24.38 16.08
CA GLY B 92 13.18 -24.82 17.44
C GLY B 92 12.89 -23.76 18.45
N GLY B 93 12.82 -22.51 18.06
CA GLY B 93 12.52 -21.44 19.05
C GLY B 93 11.13 -20.86 18.73
N ILE B 94 10.96 -19.57 19.02
CA ILE B 94 9.70 -18.87 18.85
C ILE B 94 9.88 -17.78 17.83
N VAL B 95 8.91 -17.63 16.95
CA VAL B 95 8.94 -16.41 16.09
C VAL B 95 7.86 -15.43 16.70
N ILE B 96 8.29 -14.24 17.11
CA ILE B 96 7.38 -13.19 17.57
C ILE B 96 7.12 -12.46 16.24
N ASP B 97 6.02 -12.87 15.65
CA ASP B 97 5.65 -12.47 14.26
C ASP B 97 4.73 -11.20 14.38
N LEU B 98 5.20 -10.06 13.85
CA LEU B 98 4.52 -8.78 14.07
C LEU B 98 3.67 -8.46 12.87
N SER B 99 3.57 -9.36 11.89
CA SER B 99 2.98 -9.00 10.54
C SER B 99 1.47 -8.57 10.63
N LEU B 100 0.73 -8.96 11.69
CA LEU B 100 -0.64 -8.49 11.83
C LEU B 100 -0.72 -7.10 12.48
N MET B 101 0.41 -6.60 13.00
CA MET B 101 0.41 -5.26 13.60
C MET B 101 0.87 -4.24 12.51
N ASN B 102 -0.14 -3.76 11.79
CA ASN B 102 0.02 -3.10 10.44
C ASN B 102 -0.69 -1.73 10.56
N SER B 103 -1.04 -1.28 11.78
CA SER B 103 -1.77 0.04 11.83
C SER B 103 -0.89 1.30 11.72
N ILE B 104 -1.45 2.35 11.11
CA ILE B 104 -0.73 3.60 10.92
C ILE B 104 -1.70 4.69 11.33
N LYS B 105 -1.28 5.58 12.19
CA LYS B 105 -2.09 6.80 12.38
C LYS B 105 -1.31 7.90 11.73
N VAL B 106 -2.00 8.78 11.02
CA VAL B 106 -1.38 9.92 10.37
C VAL B 106 -2.09 11.21 10.82
N SER B 107 -1.31 12.17 11.28
CA SER B 107 -1.79 13.51 11.57
C SER B 107 -1.28 14.46 10.48
N ARG B 108 -2.21 14.98 9.68
CA ARG B 108 -1.87 15.92 8.63
C ARG B 108 -1.42 17.23 9.27
N ARG B 109 -2.00 17.60 10.41
CA ARG B 109 -1.77 18.88 11.03
C ARG B 109 -0.37 18.94 11.63
N LEU B 110 0.06 17.85 12.25
CA LEU B 110 1.38 17.67 12.81
C LEU B 110 2.41 17.11 11.85
N ARG B 111 1.96 16.67 10.66
CA ARG B 111 2.82 15.94 9.72
C ARG B 111 3.58 14.86 10.40
N ARG B 112 2.82 13.94 10.99
CA ARG B 112 3.46 12.90 11.84
C ARG B 112 2.74 11.61 11.60
N ALA B 113 3.46 10.49 11.61
CA ALA B 113 2.81 9.17 11.46
C ALA B 113 3.26 8.31 12.60
N ARG B 114 2.36 7.48 13.17
CA ARG B 114 2.77 6.48 14.18
C ARG B 114 2.44 5.12 13.60
N ALA B 115 3.47 4.32 13.30
CA ALA B 115 3.24 3.10 12.56
C ALA B 115 3.60 1.92 13.42
N GLN B 116 2.86 0.82 13.33
CA GLN B 116 3.16 -0.32 14.23
C GLN B 116 4.36 -1.07 13.66
N GLY B 117 4.96 -1.93 14.46
CA GLY B 117 6.23 -2.47 13.96
C GLY B 117 6.17 -3.61 12.94
N GLY B 118 4.97 -4.11 12.61
CA GLY B 118 4.87 -5.12 11.62
C GLY B 118 4.42 -4.58 10.25
N CYS B 119 4.33 -3.25 10.09
CA CYS B 119 3.76 -2.66 8.84
C CYS B 119 4.62 -3.09 7.66
N LEU B 120 3.97 -3.18 6.46
CA LEU B 120 4.75 -3.21 5.23
C LEU B 120 4.86 -1.75 4.69
N LEU B 121 5.90 -1.51 3.88
CA LEU B 121 6.11 -0.16 3.41
C LEU B 121 4.85 0.34 2.64
N GLY B 122 4.29 -0.49 1.81
CA GLY B 122 3.09 -0.08 0.97
C GLY B 122 1.91 0.37 1.83
N ALA B 123 1.72 -0.30 2.99
CA ALA B 123 0.65 0.11 3.91
C ALA B 123 0.93 1.51 4.44
N PHE B 124 2.17 1.73 4.83
CA PHE B 124 2.63 3.07 5.35
C PHE B 124 2.49 4.13 4.29
N ASP B 125 2.97 3.89 3.07
CA ASP B 125 2.96 4.93 2.05
C ASP B 125 1.54 5.20 1.62
N THR B 126 0.70 4.16 1.62
CA THR B 126 -0.74 4.39 1.31
C THR B 126 -1.34 5.36 2.36
N ALA B 127 -1.05 5.11 3.62
CA ALA B 127 -1.66 5.90 4.67
C ALA B 127 -1.16 7.37 4.61
N THR B 128 0.15 7.61 4.42
CA THR B 128 0.67 9.00 4.45
C THR B 128 0.27 9.73 3.21
N GLN B 129 0.24 9.00 2.08
CA GLN B 129 -0.13 9.62 0.80
C GLN B 129 -1.61 10.01 0.67
N ALA B 130 -2.47 9.52 1.58
CA ALA B 130 -3.86 9.98 1.65
C ALA B 130 -3.80 11.51 1.88
N HIS B 131 -2.72 12.00 2.50
CA HIS B 131 -2.54 13.45 2.78
C HIS B 131 -1.47 14.12 2.01
N MET B 132 -1.04 13.44 0.93
CA MET B 132 0.10 13.81 0.12
C MET B 132 1.41 13.87 0.95
N LEU B 133 1.52 13.09 2.04
CA LEU B 133 2.73 13.13 2.86
C LEU B 133 3.53 11.86 2.68
N ALA B 134 4.80 11.92 3.04
CA ALA B 134 5.65 10.73 2.90
C ALA B 134 6.83 10.88 3.84
N THR B 135 7.49 9.76 4.11
CA THR B 135 8.83 9.83 4.65
C THR B 135 9.70 8.70 4.01
N PRO B 136 11.03 8.87 3.99
CA PRO B 136 11.85 7.86 3.26
C PRO B 136 11.79 6.48 3.76
N ALA B 137 11.74 5.55 2.80
CA ALA B 137 11.78 4.12 3.11
C ALA B 137 12.30 3.39 1.86
N GLY B 138 12.29 2.07 1.90
CA GLY B 138 12.87 1.30 0.81
C GLY B 138 11.97 1.27 -0.44
N VAL B 139 12.50 0.67 -1.51
CA VAL B 139 11.87 0.86 -2.83
C VAL B 139 10.89 -0.31 -3.21
N VAL B 140 10.86 -1.38 -2.42
CA VAL B 140 9.98 -2.49 -2.70
C VAL B 140 8.83 -2.56 -1.65
N SER B 141 7.57 -2.34 -2.11
CA SER B 141 6.38 -2.11 -1.22
C SER B 141 6.21 -3.14 -0.11
N HIS B 142 6.46 -4.42 -0.43
CA HIS B 142 6.21 -5.48 0.59
C HIS B 142 7.37 -5.75 1.54
N THR B 143 8.40 -4.92 1.46
CA THR B 143 9.45 -4.90 2.56
C THR B 143 8.79 -4.51 3.91
N GLY B 144 9.30 -5.10 5.00
CA GLY B 144 8.85 -4.66 6.29
C GLY B 144 9.48 -3.33 6.73
N LEU B 145 8.66 -2.47 7.31
CA LEU B 145 9.13 -1.23 7.92
C LEU B 145 10.09 -1.52 9.07
N GLY B 146 9.79 -2.55 9.81
CA GLY B 146 10.51 -2.81 11.02
C GLY B 146 12.01 -3.06 10.84
N GLY B 147 12.37 -4.11 10.15
CA GLY B 147 13.78 -4.40 9.96
C GLY B 147 14.46 -3.30 9.18
N LEU B 148 13.75 -2.72 8.22
CA LEU B 148 14.38 -1.75 7.33
C LEU B 148 14.73 -0.51 8.13
N VAL B 149 13.80 -0.02 8.93
CA VAL B 149 14.14 1.21 9.68
C VAL B 149 15.22 0.95 10.73
N LEU B 150 15.18 -0.20 11.43
CA LEU B 150 16.16 -0.41 12.54
C LEU B 150 17.57 -0.54 12.02
N GLY B 151 17.69 -0.76 10.70
CA GLY B 151 19.00 -0.83 10.04
C GLY B 151 19.40 0.51 9.45
N GLY B 152 18.45 1.44 9.30
CA GLY B 152 18.74 2.77 8.73
C GLY B 152 17.63 3.13 7.76
N GLY B 153 17.58 2.43 6.61
CA GLY B 153 16.44 2.54 5.70
C GLY B 153 16.72 3.61 4.63
N PHE B 154 16.98 3.19 3.40
CA PHE B 154 17.11 4.22 2.34
C PHE B 154 16.26 3.91 1.09
N GLY B 155 15.95 4.93 0.33
CA GLY B 155 15.25 4.72 -0.92
C GLY B 155 15.11 6.05 -1.63
N TRP B 156 14.01 6.20 -2.42
CA TRP B 156 13.93 7.31 -3.46
C TRP B 156 14.00 8.66 -2.73
N LEU B 157 13.44 8.77 -1.52
CA LEU B 157 13.37 10.10 -0.86
C LEU B 157 14.64 10.38 -0.06
N SER B 158 15.58 9.48 -0.07
CA SER B 158 16.72 9.65 0.85
C SER B 158 17.72 10.78 0.56
N ARG B 159 18.05 11.01 -0.71
CA ARG B 159 18.96 12.13 -1.00
C ARG B 159 18.34 13.47 -0.53
N LYS B 160 17.00 13.56 -0.60
CA LYS B 160 16.36 14.80 -0.24
C LYS B 160 16.12 14.91 1.29
N TYR B 161 15.65 13.82 1.88
CA TYR B 161 15.10 13.79 3.26
C TYR B 161 15.80 12.88 4.26
N GLY B 162 16.84 12.20 3.83
CA GLY B 162 17.64 11.36 4.74
C GLY B 162 17.21 9.90 4.78
N LEU B 163 17.83 9.18 5.70
CA LEU B 163 17.39 7.79 5.96
C LEU B 163 16.07 7.79 6.69
N SER B 164 15.45 6.62 6.75
CA SER B 164 14.19 6.51 7.53
C SER B 164 14.49 6.94 8.95
N ILE B 165 15.66 6.55 9.46
CA ILE B 165 15.98 6.86 10.84
C ILE B 165 16.19 8.39 11.05
N ASP B 166 16.47 9.15 9.99
CA ASP B 166 16.68 10.58 10.12
C ASP B 166 15.34 11.29 10.28
N ASN B 167 14.21 10.54 10.20
CA ASN B 167 12.94 11.12 10.31
C ASN B 167 12.21 10.47 11.50
N LEU B 168 12.93 9.61 12.22
CA LEU B 168 12.31 8.93 13.31
C LEU B 168 12.40 9.82 14.55
N THR B 169 11.28 10.04 15.25
CA THR B 169 11.25 10.91 16.39
C THR B 169 11.06 10.12 17.73
N SER B 170 10.52 8.90 17.72
CA SER B 170 10.54 8.05 18.92
C SER B 170 10.13 6.66 18.55
N VAL B 171 10.26 5.74 19.49
CA VAL B 171 9.73 4.40 19.35
C VAL B 171 9.09 4.01 20.68
N GLU B 172 8.14 3.09 20.61
CA GLU B 172 7.79 2.27 21.73
C GLU B 172 8.49 0.92 21.54
N ILE B 173 9.15 0.45 22.57
CA ILE B 173 9.95 -0.79 22.45
C ILE B 173 9.74 -1.73 23.65
N VAL B 174 9.54 -3.01 23.38
CA VAL B 174 9.48 -4.03 24.44
C VAL B 174 10.89 -4.63 24.60
N THR B 175 11.45 -4.49 25.81
CA THR B 175 12.80 -5.00 26.03
C THR B 175 12.80 -6.44 26.58
N ALA B 176 14.00 -7.03 26.66
CA ALA B 176 14.21 -8.44 27.06
C ALA B 176 13.53 -8.77 28.38
N ASP B 177 13.50 -7.79 29.30
CA ASP B 177 12.92 -8.06 30.63
C ASP B 177 11.37 -7.95 30.56
N GLY B 178 10.82 -7.71 29.36
CA GLY B 178 9.36 -7.55 29.19
C GLY B 178 8.77 -6.16 29.48
N GLY B 179 9.64 -5.20 29.81
CA GLY B 179 9.24 -3.82 30.06
C GLY B 179 8.95 -3.16 28.74
N VAL B 180 8.09 -2.14 28.76
CA VAL B 180 7.74 -1.32 27.58
C VAL B 180 8.34 0.09 27.80
N LEU B 181 9.17 0.58 26.89
CA LEU B 181 9.80 1.85 27.09
C LEU B 181 9.50 2.70 25.91
N THR B 182 9.61 4.02 26.08
CA THR B 182 9.63 4.96 24.96
C THR B 182 11.09 5.36 24.82
N ALA B 183 11.63 5.39 23.61
CA ALA B 183 12.91 6.00 23.38
C ALA B 183 12.72 7.15 22.42
N SER B 184 13.39 8.28 22.71
CA SER B 184 13.40 9.47 21.87
C SER B 184 14.63 10.28 22.30
N ASP B 185 14.75 11.49 21.76
CA ASP B 185 15.83 12.46 22.12
C ASP B 185 15.85 12.82 23.62
N THR B 186 14.71 12.72 24.27
CA THR B 186 14.56 13.15 25.67
C THR B 186 14.13 12.04 26.61
N GLU B 187 14.01 10.83 26.11
CA GLU B 187 13.66 9.75 26.98
C GLU B 187 14.47 8.52 26.58
N ASN B 188 15.27 7.95 27.52
CA ASN B 188 16.21 6.83 27.12
C ASN B 188 16.98 7.16 25.82
N PRO B 189 17.63 8.32 25.82
CA PRO B 189 18.27 8.74 24.54
C PRO B 189 19.39 7.78 24.06
N ASP B 190 20.04 7.07 25.01
CA ASP B 190 21.04 6.06 24.70
C ASP B 190 20.42 4.93 23.84
N LEU B 191 19.25 4.47 24.20
CA LEU B 191 18.55 3.45 23.43
C LEU B 191 18.06 4.01 22.11
N PHE B 192 17.57 5.24 22.15
CA PHE B 192 17.12 5.90 20.91
C PHE B 192 18.24 6.00 19.88
N TRP B 193 19.48 6.24 20.31
CA TRP B 193 20.59 6.28 19.40
C TRP B 193 20.82 4.87 18.80
N ALA B 194 20.75 3.86 19.64
CA ALA B 194 21.17 2.50 19.24
C ALA B 194 20.12 1.92 18.28
N VAL B 195 18.84 2.26 18.45
CA VAL B 195 17.85 1.60 17.63
C VAL B 195 17.90 2.24 16.21
N ARG B 196 18.49 3.43 16.10
CA ARG B 196 18.54 4.12 14.80
C ARG B 196 19.79 3.53 14.15
N GLY B 197 19.68 2.31 13.70
CA GLY B 197 20.80 1.66 12.96
C GLY B 197 21.28 0.36 13.61
N GLY B 198 20.88 0.16 14.87
CA GLY B 198 21.34 -1.05 15.65
C GLY B 198 20.54 -2.33 15.49
N GLY B 199 19.61 -2.37 14.54
CA GLY B 199 18.81 -3.59 14.28
C GLY B 199 17.87 -3.93 15.46
N GLY B 200 17.50 -5.18 15.51
CA GLY B 200 16.58 -5.64 16.51
C GLY B 200 17.30 -5.99 17.82
N ASN B 201 18.57 -5.59 17.95
CA ASN B 201 19.40 -5.97 19.13
C ASN B 201 18.86 -5.63 20.52
N PHE B 202 17.99 -4.61 20.54
CA PHE B 202 17.66 -3.99 21.80
C PHE B 202 16.26 -4.19 22.26
N GLY B 203 15.50 -4.94 21.48
CA GLY B 203 14.11 -5.14 21.80
C GLY B 203 13.24 -5.08 20.57
N VAL B 204 11.97 -5.34 20.84
CA VAL B 204 10.96 -5.45 19.81
C VAL B 204 10.29 -4.10 19.71
N VAL B 205 10.49 -3.43 18.56
CA VAL B 205 9.81 -2.13 18.37
C VAL B 205 8.38 -2.37 17.93
N THR B 206 7.44 -1.84 18.70
CA THR B 206 6.02 -2.02 18.43
C THR B 206 5.40 -0.84 17.74
N ALA B 207 6.03 0.33 17.84
CA ALA B 207 5.52 1.56 17.24
C ALA B 207 6.72 2.41 16.90
N PHE B 208 6.66 2.96 15.69
CA PHE B 208 7.65 3.93 15.20
C PHE B 208 6.90 5.25 14.99
N GLU B 209 7.48 6.36 15.45
CA GLU B 209 6.90 7.68 15.17
C GLU B 209 7.82 8.51 14.27
N PHE B 210 7.27 8.97 13.16
CA PHE B 210 8.00 9.74 12.09
C PHE B 210 7.47 11.14 11.84
N ASP B 211 8.38 12.04 11.48
CA ASP B 211 8.02 13.31 10.88
C ASP B 211 7.80 12.99 9.42
N LEU B 212 6.83 13.65 8.81
CA LEU B 212 6.51 13.49 7.41
C LEU B 212 6.80 14.78 6.61
N HIS B 213 6.92 14.61 5.31
CA HIS B 213 7.13 15.68 4.28
C HIS B 213 6.05 15.66 3.19
N ARG B 214 5.69 16.84 2.66
CA ARG B 214 4.71 16.89 1.57
C ARG B 214 5.50 16.48 0.32
N VAL B 215 5.06 15.37 -0.29
CA VAL B 215 5.64 14.83 -1.60
C VAL B 215 4.52 14.66 -2.61
N GLY B 216 4.48 15.60 -3.57
CA GLY B 216 3.53 15.60 -4.69
C GLY B 216 4.05 14.73 -5.86
N PRO B 217 3.41 14.84 -7.02
CA PRO B 217 3.80 13.96 -8.10
C PRO B 217 5.28 14.12 -8.47
N VAL B 218 5.86 13.02 -8.96
CA VAL B 218 7.32 12.87 -9.12
C VAL B 218 7.49 12.49 -10.61
N ARG B 219 8.33 13.22 -11.35
CA ARG B 219 8.73 12.79 -12.66
C ARG B 219 9.71 11.62 -12.54
N PHE B 220 9.44 10.57 -13.32
CA PHE B 220 10.22 9.33 -13.18
C PHE B 220 10.63 8.86 -14.58
N ALA B 221 11.80 8.22 -14.66
CA ALA B 221 12.20 7.62 -15.95
C ALA B 221 12.93 6.30 -15.69
N SER B 222 12.66 5.33 -16.57
CA SER B 222 13.44 4.12 -16.59
C SER B 222 13.86 3.82 -18.04
N THR B 223 15.11 3.43 -18.21
CA THR B 223 15.59 3.17 -19.61
C THR B 223 16.68 2.07 -19.49
N TYR B 224 17.11 1.52 -20.61
CA TYR B 224 18.08 0.45 -20.59
C TYR B 224 19.18 0.84 -21.56
N TYR B 225 20.43 0.56 -21.21
CA TYR B 225 21.55 0.75 -22.06
C TYR B 225 22.22 -0.58 -22.37
N SER B 226 22.65 -0.75 -23.62
CA SER B 226 23.53 -1.87 -23.93
C SER B 226 24.80 -1.95 -23.08
N LEU B 227 25.20 -3.14 -22.65
CA LEU B 227 26.45 -3.21 -21.91
C LEU B 227 27.63 -2.76 -22.72
N ASP B 228 27.52 -2.73 -24.04
CA ASP B 228 28.63 -2.23 -24.88
C ASP B 228 28.93 -0.78 -24.59
N GLU B 229 28.00 -0.07 -23.98
CA GLU B 229 28.24 1.33 -23.66
C GLU B 229 28.41 1.48 -22.15
N GLY B 230 28.67 0.37 -21.46
CA GLY B 230 28.73 0.30 -20.00
C GLY B 230 29.76 1.21 -19.37
N PRO B 231 31.01 1.24 -19.87
CA PRO B 231 31.94 2.20 -19.30
C PRO B 231 31.48 3.69 -19.36
N GLN B 232 31.01 4.13 -20.53
CA GLN B 232 30.53 5.53 -20.72
C GLN B 232 29.35 5.89 -19.78
N VAL B 233 28.45 4.94 -19.65
CA VAL B 233 27.21 5.19 -18.89
C VAL B 233 27.53 5.26 -17.40
N ILE B 234 28.30 4.28 -16.94
CA ILE B 234 28.69 4.23 -15.52
C ILE B 234 29.58 5.42 -15.16
N ARG B 235 30.54 5.76 -16.01
CA ARG B 235 31.34 6.95 -15.73
C ARG B 235 30.50 8.24 -15.69
N ALA B 236 29.54 8.36 -16.61
CA ALA B 236 28.63 9.54 -16.69
C ALA B 236 27.82 9.66 -15.40
N TRP B 237 27.32 8.53 -14.95
CA TRP B 237 26.54 8.41 -13.73
C TRP B 237 27.36 8.84 -12.51
N ARG B 238 28.52 8.21 -12.31
CA ARG B 238 29.42 8.57 -11.18
C ARG B 238 29.76 10.06 -11.21
N ASP B 239 30.10 10.58 -12.40
CA ASP B 239 30.53 11.97 -12.50
C ASP B 239 29.36 12.88 -12.26
N HIS B 240 28.18 12.54 -12.80
CA HIS B 240 27.04 13.39 -12.63
C HIS B 240 26.60 13.47 -11.16
N MET B 241 26.54 12.29 -10.49
CA MET B 241 26.03 12.27 -9.13
C MET B 241 26.88 13.07 -8.13
N ALA B 242 28.16 13.20 -8.46
CA ALA B 242 29.09 13.94 -7.57
C ALA B 242 28.62 15.38 -7.35
N THR B 243 27.91 15.95 -8.33
CA THR B 243 27.52 17.39 -8.21
C THR B 243 26.02 17.61 -8.35
N ALA B 244 25.28 16.49 -8.27
CA ALA B 244 23.85 16.55 -8.66
C ALA B 244 23.03 17.20 -7.53
N PRO B 245 21.94 17.94 -7.88
CA PRO B 245 20.96 18.39 -6.82
C PRO B 245 20.49 17.21 -5.97
N ASP B 246 20.16 17.44 -4.68
CA ASP B 246 19.62 16.38 -3.81
C ASP B 246 18.31 15.84 -4.36
N GLU B 247 17.65 16.64 -5.17
CA GLU B 247 16.32 16.26 -5.75
C GLU B 247 16.42 15.13 -6.80
N LEU B 248 17.61 14.90 -7.35
CA LEU B 248 17.80 13.84 -8.34
C LEU B 248 18.27 12.56 -7.65
N THR B 249 17.54 11.46 -7.88
CA THR B 249 18.07 10.15 -7.56
C THR B 249 18.15 9.31 -8.82
N TRP B 250 19.28 8.59 -8.98
CA TRP B 250 19.50 7.87 -10.21
C TRP B 250 20.26 6.61 -9.80
N ALA B 251 19.67 5.44 -10.06
CA ALA B 251 20.27 4.16 -9.64
C ALA B 251 20.47 3.32 -10.90
N LEU B 252 21.51 2.43 -10.88
CA LEU B 252 21.83 1.61 -12.05
C LEU B 252 21.69 0.14 -11.65
N TYR B 253 20.97 -0.65 -12.47
CA TYR B 253 20.78 -2.05 -12.12
C TYR B 253 21.29 -2.86 -13.30
N LEU B 254 22.39 -3.60 -13.14
CA LEU B 254 22.92 -4.39 -14.25
C LEU B 254 22.23 -5.77 -14.19
N ARG B 255 21.58 -6.16 -15.29
CA ARG B 255 20.64 -7.33 -15.20
C ARG B 255 20.47 -7.87 -16.59
N LEU B 256 19.87 -9.07 -16.75
CA LEU B 256 19.37 -9.49 -18.08
C LEU B 256 18.13 -8.60 -18.48
N ALA B 257 18.02 -8.15 -19.72
CA ALA B 257 16.87 -7.22 -20.07
C ALA B 257 15.57 -8.01 -19.95
N PRO B 258 14.53 -7.51 -19.24
CA PRO B 258 13.28 -8.28 -19.12
C PRO B 258 12.57 -8.29 -20.46
N PRO B 259 11.78 -9.37 -20.74
CA PRO B 259 11.07 -9.53 -21.97
C PRO B 259 9.83 -8.61 -21.97
N LEU B 260 10.06 -7.30 -21.99
CA LEU B 260 8.97 -6.32 -21.92
C LEU B 260 8.74 -5.62 -23.26
N PRO B 261 7.50 -5.16 -23.47
CA PRO B 261 7.21 -4.78 -24.84
C PRO B 261 7.92 -3.52 -25.26
N GLU B 262 8.32 -2.69 -24.28
CA GLU B 262 9.07 -1.46 -24.56
C GLU B 262 10.50 -1.71 -25.01
N LEU B 263 11.00 -2.92 -24.78
CA LEU B 263 12.36 -3.28 -25.28
C LEU B 263 12.30 -4.10 -26.57
N PRO B 264 13.25 -3.85 -27.49
CA PRO B 264 13.36 -4.69 -28.68
C PRO B 264 13.60 -6.15 -28.29
N ALA B 265 12.93 -7.05 -28.99
CA ALA B 265 13.06 -8.49 -28.77
C ALA B 265 14.53 -8.93 -28.74
N ASP B 266 15.40 -8.21 -29.46
CA ASP B 266 16.82 -8.53 -29.66
C ASP B 266 17.67 -8.23 -28.46
N MET B 267 17.09 -7.62 -27.45
CA MET B 267 17.81 -7.32 -26.24
C MET B 267 17.34 -8.22 -25.12
N HIS B 268 16.21 -8.88 -25.30
CA HIS B 268 15.58 -9.63 -24.21
C HIS B 268 16.52 -10.72 -23.69
N GLY B 269 16.62 -10.86 -22.37
CA GLY B 269 17.58 -11.83 -21.81
C GLY B 269 19.06 -11.57 -21.98
N LYS B 270 19.47 -10.43 -22.53
CA LYS B 270 20.90 -10.06 -22.62
C LYS B 270 21.26 -9.12 -21.47
N PRO B 271 22.51 -9.20 -20.95
CA PRO B 271 22.84 -8.27 -19.85
C PRO B 271 22.80 -6.84 -20.38
N VAL B 272 22.25 -5.93 -19.61
CA VAL B 272 22.05 -4.49 -19.97
C VAL B 272 22.23 -3.69 -18.70
N ILE B 273 22.27 -2.34 -18.79
CA ILE B 273 22.10 -1.50 -17.62
C ILE B 273 20.66 -0.97 -17.65
N CYS B 274 19.88 -1.27 -16.59
CA CYS B 274 18.58 -0.62 -16.40
C CYS B 274 18.82 0.65 -15.52
N ALA B 275 18.54 1.86 -16.01
CA ALA B 275 18.79 3.03 -15.18
C ALA B 275 17.39 3.55 -14.76
N MET B 276 17.18 3.80 -13.46
CA MET B 276 15.91 4.30 -12.95
C MET B 276 16.20 5.64 -12.28
N SER B 277 15.43 6.66 -12.61
CA SER B 277 15.73 7.96 -12.06
C SER B 277 14.48 8.71 -11.73
N CYS B 278 14.56 9.70 -10.82
CA CYS B 278 13.35 10.43 -10.43
C CYS B 278 13.80 11.77 -9.91
N TRP B 279 12.88 12.71 -9.96
CA TRP B 279 13.21 14.05 -9.40
C TRP B 279 12.24 14.28 -8.29
N ILE B 280 12.76 14.39 -7.06
CA ILE B 280 11.92 14.70 -5.90
C ILE B 280 11.76 16.21 -5.82
N GLY B 281 10.66 16.69 -6.40
CA GLY B 281 10.47 18.17 -6.61
C GLY B 281 9.50 18.40 -7.75
N ASP B 282 9.57 19.62 -8.30
CA ASP B 282 8.56 20.07 -9.31
C ASP B 282 8.68 19.19 -10.54
N PRO B 283 7.58 18.69 -11.06
CA PRO B 283 7.73 17.80 -12.25
C PRO B 283 8.22 18.47 -13.51
N HIS B 284 8.03 19.77 -13.72
CA HIS B 284 8.57 20.38 -14.96
C HIS B 284 10.06 20.50 -14.83
N GLU B 285 10.54 20.83 -13.65
CA GLU B 285 11.99 20.79 -13.41
C GLU B 285 12.51 19.36 -13.53
N GLY B 286 11.73 18.42 -13.03
CA GLY B 286 12.09 16.99 -13.14
C GLY B 286 12.27 16.59 -14.61
N GLU B 287 11.32 16.98 -15.46
CA GLU B 287 11.41 16.63 -16.89
C GLU B 287 12.75 17.10 -17.50
N ARG B 288 13.07 18.37 -17.21
CA ARG B 288 14.33 18.96 -17.63
C ARG B 288 15.54 18.20 -17.11
N GLN B 289 15.55 17.88 -15.82
CA GLN B 289 16.68 17.18 -15.22
C GLN B 289 16.83 15.76 -15.73
N LEU B 290 15.73 15.04 -15.83
CA LEU B 290 15.82 13.66 -16.30
C LEU B 290 16.20 13.65 -17.81
N GLU B 291 15.64 14.53 -18.66
CA GLU B 291 16.09 14.53 -20.06
C GLU B 291 17.59 14.77 -20.13
N SER B 292 18.13 15.52 -19.17
CA SER B 292 19.57 15.85 -19.27
C SER B 292 20.49 14.64 -18.95
N ILE B 293 19.97 13.60 -18.31
CA ILE B 293 20.78 12.43 -17.95
C ILE B 293 20.44 11.21 -18.78
N LEU B 294 19.44 11.27 -19.65
CA LEU B 294 18.92 10.06 -20.27
C LEU B 294 19.84 9.61 -21.39
N HIS B 295 20.62 10.54 -21.94
CA HIS B 295 21.43 10.22 -23.10
C HIS B 295 22.86 9.88 -22.74
N ALA B 296 23.06 9.32 -21.54
CA ALA B 296 24.36 8.89 -21.03
C ALA B 296 24.90 7.79 -21.97
N GLY B 297 23.98 6.98 -22.49
CA GLY B 297 24.25 6.08 -23.61
C GLY B 297 23.03 6.16 -24.47
N LYS B 298 22.94 5.34 -25.48
CA LYS B 298 21.72 5.25 -26.30
C LYS B 298 20.55 4.59 -25.56
N PRO B 299 19.46 5.34 -25.28
CA PRO B 299 18.45 4.75 -24.41
C PRO B 299 17.52 3.80 -25.18
N HIS B 300 17.16 2.68 -24.58
CA HIS B 300 16.20 1.71 -25.16
C HIS B 300 15.12 1.53 -24.13
N GLY B 301 13.90 1.29 -24.60
CA GLY B 301 12.81 0.96 -23.68
C GLY B 301 12.59 2.10 -22.68
N LEU B 302 12.76 3.35 -23.13
CA LEU B 302 12.52 4.50 -22.24
C LEU B 302 11.05 4.55 -21.76
N THR B 303 10.82 4.68 -20.45
CA THR B 303 9.48 4.95 -19.97
C THR B 303 9.62 6.22 -19.17
N LYS B 304 8.79 7.24 -19.45
CA LYS B 304 8.80 8.42 -18.59
C LYS B 304 7.37 8.59 -18.06
N ALA B 305 7.19 8.91 -16.77
CA ALA B 305 5.83 9.11 -16.31
C ALA B 305 5.88 10.14 -15.19
N THR B 306 4.71 10.74 -14.89
CA THR B 306 4.61 11.62 -13.67
C THR B 306 3.69 10.83 -12.74
N LEU B 307 4.27 10.39 -11.61
CA LEU B 307 3.62 9.38 -10.68
C LEU B 307 3.39 10.04 -9.38
N PRO B 308 2.24 9.73 -8.73
CA PRO B 308 2.19 10.00 -7.31
C PRO B 308 3.32 9.28 -6.65
N TYR B 309 3.82 9.84 -5.56
CA TYR B 309 4.91 9.16 -4.85
C TYR B 309 4.49 7.72 -4.46
N ARG B 310 3.22 7.52 -4.11
CA ARG B 310 2.82 6.08 -3.75
C ARG B 310 3.05 5.10 -4.93
N ALA B 311 2.79 5.59 -6.15
CA ALA B 311 3.05 4.77 -7.35
C ALA B 311 4.54 4.58 -7.66
N LEU B 312 5.38 5.59 -7.45
CA LEU B 312 6.84 5.41 -7.50
C LEU B 312 7.27 4.32 -6.55
N GLN B 313 6.73 4.39 -5.33
CA GLN B 313 7.11 3.37 -4.33
C GLN B 313 6.68 1.93 -4.76
N ALA B 314 5.56 1.84 -5.51
CA ALA B 314 5.05 0.51 -5.91
C ALA B 314 5.68 0.01 -7.19
N TYR B 315 6.43 0.89 -7.90
CA TYR B 315 6.93 0.52 -9.23
C TYR B 315 8.00 -0.57 -9.20
N SER B 316 8.93 -0.57 -8.24
CA SER B 316 10.02 -1.52 -8.35
C SER B 316 9.50 -2.92 -7.97
N PHE B 317 9.73 -3.98 -8.78
CA PHE B 317 10.24 -3.92 -10.21
C PHE B 317 9.17 -4.72 -11.04
N PRO B 318 8.78 -4.29 -12.27
CA PRO B 318 7.75 -5.06 -13.01
C PRO B 318 8.21 -6.40 -13.58
N GLY B 319 8.01 -7.48 -12.85
CA GLY B 319 8.36 -8.78 -13.37
C GLY B 319 7.23 -9.73 -13.18
N ALA B 320 7.30 -10.87 -13.90
CA ALA B 320 6.21 -11.86 -13.96
C ALA B 320 6.31 -12.79 -12.75
N VAL B 321 7.52 -12.99 -12.25
CA VAL B 321 7.79 -14.03 -11.24
C VAL B 321 8.41 -13.46 -9.96
N VAL B 322 8.01 -13.95 -8.78
CA VAL B 322 8.66 -13.52 -7.50
C VAL B 322 9.81 -14.51 -7.30
N PRO B 323 11.08 -14.04 -7.18
CA PRO B 323 12.15 -15.04 -7.10
C PRO B 323 12.03 -15.79 -5.78
N ASP B 324 12.31 -17.09 -5.70
CA ASP B 324 12.22 -17.83 -4.43
C ASP B 324 13.50 -17.82 -3.63
N ARG B 325 14.65 -17.74 -4.30
CA ARG B 325 15.94 -18.00 -3.56
C ARG B 325 16.79 -16.84 -3.81
N ILE B 326 17.51 -16.39 -2.82
CA ILE B 326 18.31 -15.18 -3.01
C ILE B 326 19.62 -15.28 -2.24
N TYR B 327 20.62 -14.52 -2.70
CA TYR B 327 21.91 -14.44 -2.06
C TYR B 327 22.57 -13.13 -2.37
N THR B 328 22.98 -12.36 -1.35
CA THR B 328 23.48 -11.01 -1.63
C THR B 328 24.86 -10.80 -1.05
N LYS B 329 25.67 -10.02 -1.75
CA LYS B 329 26.94 -9.60 -1.19
C LYS B 329 26.99 -8.11 -1.51
N SER B 330 27.23 -7.31 -0.50
CA SER B 330 27.15 -5.85 -0.71
C SER B 330 28.27 -5.15 0.08
N GLY B 331 28.62 -3.95 -0.39
CA GLY B 331 29.45 -3.04 0.46
C GLY B 331 29.35 -1.65 -0.11
N TYR B 332 29.95 -0.72 0.63
CA TYR B 332 29.96 0.69 0.22
C TYR B 332 31.27 1.01 -0.46
N LEU B 333 31.31 2.05 -1.26
CA LEU B 333 32.56 2.54 -1.85
C LEU B 333 32.62 4.02 -1.59
N ASN B 334 33.82 4.52 -1.26
CA ASN B 334 33.97 5.99 -1.18
C ASN B 334 34.18 6.65 -2.56
N GLU B 335 34.73 5.92 -3.52
CA GLU B 335 34.96 6.34 -4.89
C GLU B 335 34.77 5.15 -5.78
N LEU B 336 34.35 5.42 -7.01
CA LEU B 336 34.11 4.35 -7.98
C LEU B 336 35.11 4.63 -9.08
N SER B 337 36.26 3.97 -9.06
CA SER B 337 37.30 4.29 -10.10
C SER B 337 36.97 3.62 -11.41
N ASP B 338 37.70 4.00 -12.46
CA ASP B 338 37.57 3.33 -13.71
C ASP B 338 37.83 1.82 -13.70
N GLU B 339 38.80 1.39 -12.90
CA GLU B 339 39.14 -0.03 -12.68
C GLU B 339 38.00 -0.81 -11.99
N ALA B 340 37.44 -0.23 -10.90
CA ALA B 340 36.26 -0.80 -10.28
C ALA B 340 35.10 -0.86 -11.25
N THR B 341 34.93 0.17 -12.09
CA THR B 341 33.85 0.13 -13.06
C THR B 341 34.00 -1.08 -14.01
N ASP B 342 35.20 -1.23 -14.56
CA ASP B 342 35.49 -2.36 -15.46
C ASP B 342 35.21 -3.68 -14.75
N THR B 343 35.62 -3.80 -13.50
CA THR B 343 35.24 -4.99 -12.73
C THR B 343 33.74 -5.33 -12.61
N VAL B 344 32.98 -4.31 -12.27
CA VAL B 344 31.52 -4.40 -12.23
C VAL B 344 31.02 -4.89 -13.58
N LEU B 345 31.53 -4.32 -14.68
CA LEU B 345 31.02 -4.69 -15.97
C LEU B 345 31.35 -6.14 -16.40
N GLU B 346 32.56 -6.58 -16.04
CA GLU B 346 32.94 -8.00 -16.33
C GLU B 346 32.03 -8.96 -15.61
N HIS B 347 31.76 -8.70 -14.34
CA HIS B 347 30.96 -9.58 -13.49
C HIS B 347 29.48 -9.56 -13.90
N ALA B 348 28.98 -8.38 -14.28
CA ALA B 348 27.62 -8.27 -14.81
C ALA B 348 27.45 -9.04 -16.11
N ALA B 349 28.47 -9.04 -16.93
CA ALA B 349 28.38 -9.74 -18.21
C ALA B 349 28.20 -11.25 -17.97
N ASP B 350 28.49 -11.74 -16.77
CA ASP B 350 28.30 -13.17 -16.46
C ASP B 350 26.94 -13.53 -15.87
N ILE B 351 26.04 -12.56 -15.70
CA ILE B 351 24.83 -12.83 -14.93
C ILE B 351 24.05 -13.91 -15.64
N ALA B 352 23.59 -14.93 -14.89
CA ALA B 352 22.86 -16.09 -15.46
C ALA B 352 21.33 -16.02 -15.27
N SER B 353 20.88 -15.75 -14.05
CA SER B 353 19.47 -15.75 -13.81
C SER B 353 18.80 -14.43 -14.37
N PRO B 354 17.54 -14.53 -14.92
CA PRO B 354 16.74 -13.28 -15.15
C PRO B 354 16.30 -12.49 -13.92
N PHE B 355 16.61 -12.95 -12.72
CA PHE B 355 16.18 -12.25 -11.52
C PHE B 355 17.36 -11.58 -10.81
N THR B 356 18.56 -11.93 -11.20
CA THR B 356 19.77 -11.41 -10.55
C THR B 356 20.04 -9.97 -10.96
N GLN B 357 20.56 -9.15 -10.02
CA GLN B 357 21.00 -7.81 -10.48
C GLN B 357 22.25 -7.43 -9.76
N LEU B 358 23.08 -6.69 -10.47
CA LEU B 358 24.24 -6.02 -9.83
C LEU B 358 23.89 -4.53 -9.74
N GLU B 359 23.55 -4.11 -8.51
CA GLU B 359 22.94 -2.77 -8.26
C GLU B 359 24.03 -1.78 -7.96
N LEU B 360 23.92 -0.54 -8.46
CA LEU B 360 24.87 0.52 -8.15
C LEU B 360 24.00 1.73 -7.78
N LEU B 361 24.05 2.06 -6.50
CA LEU B 361 23.26 3.12 -5.86
C LEU B 361 24.17 4.25 -5.48
N TYR B 362 23.59 5.47 -5.51
CA TYR B 362 24.39 6.67 -5.05
C TYR B 362 23.55 7.35 -3.98
N LEU B 363 24.04 7.37 -2.73
CA LEU B 363 23.24 7.94 -1.59
C LEU B 363 23.77 9.43 -1.46
N GLY B 364 24.58 9.71 -0.44
CA GLY B 364 25.00 11.09 -0.19
C GLY B 364 23.82 12.00 0.02
N GLY B 365 23.88 13.24 -0.49
CA GLY B 365 22.78 14.28 -0.26
C GLY B 365 22.50 14.35 1.25
N ALA B 366 21.23 14.30 1.69
CA ALA B 366 20.85 14.55 3.10
C ALA B 366 21.46 13.48 4.02
N VAL B 367 21.70 12.25 3.49
CA VAL B 367 22.13 11.17 4.33
C VAL B 367 23.55 11.54 4.87
N ALA B 368 24.35 12.10 3.98
CA ALA B 368 25.75 12.44 4.36
C ALA B 368 25.89 13.72 5.21
N ARG B 369 24.83 14.50 5.31
CA ARG B 369 24.87 15.80 6.02
C ARG B 369 24.63 15.55 7.53
N VAL B 370 24.14 14.36 7.84
CA VAL B 370 23.92 14.06 9.27
C VAL B 370 25.26 13.69 9.91
N PRO B 371 25.56 14.25 11.09
CA PRO B 371 26.90 13.93 11.61
C PRO B 371 27.07 12.41 11.85
N ASP B 372 28.27 11.90 11.64
CA ASP B 372 28.46 10.45 11.68
C ASP B 372 28.06 9.86 13.05
N ASP B 373 28.35 10.60 14.11
CA ASP B 373 28.04 10.07 15.48
C ASP B 373 26.61 10.25 15.92
N ALA B 374 25.77 10.84 15.08
CA ALA B 374 24.40 11.22 15.51
C ALA B 374 23.45 10.01 15.63
N THR B 375 23.74 8.91 14.91
CA THR B 375 22.94 7.66 15.01
C THR B 375 23.89 6.47 14.95
N ALA B 376 23.35 5.27 15.19
CA ALA B 376 24.16 4.06 15.11
C ALA B 376 24.44 3.58 13.67
N TYR B 377 23.87 4.25 12.66
CA TYR B 377 24.09 3.89 11.21
C TYR B 377 25.46 4.31 10.71
N PRO B 378 26.26 3.34 10.27
CA PRO B 378 27.66 3.67 9.83
C PRO B 378 27.77 3.97 8.33
N ASN B 379 28.89 4.57 7.87
CA ASN B 379 29.12 4.76 6.43
C ASN B 379 28.30 5.88 5.77
N ARG B 380 27.83 6.89 6.52
CA ARG B 380 27.09 7.99 5.86
C ARG B 380 27.94 8.71 4.81
N GLN B 381 29.25 8.76 5.05
CA GLN B 381 30.08 9.51 4.16
C GLN B 381 30.51 8.75 2.90
N SER B 382 30.10 7.49 2.73
CA SER B 382 30.45 6.68 1.53
C SER B 382 29.22 6.77 0.61
N PRO B 383 29.33 7.46 -0.51
CA PRO B 383 28.11 7.68 -1.26
C PRO B 383 27.70 6.48 -2.12
N PHE B 384 28.61 5.58 -2.43
CA PHE B 384 28.23 4.45 -3.35
C PHE B 384 27.86 3.20 -2.59
N VAL B 385 26.83 2.47 -3.06
CA VAL B 385 26.59 1.14 -2.56
C VAL B 385 26.53 0.25 -3.76
N THR B 386 27.16 -0.92 -3.69
CA THR B 386 27.05 -1.93 -4.70
C THR B 386 26.49 -3.21 -4.06
N ASN B 387 25.49 -3.82 -4.69
CA ASN B 387 24.92 -5.05 -4.14
C ASN B 387 24.95 -6.10 -5.28
N LEU B 388 25.62 -7.23 -5.07
CA LEU B 388 25.55 -8.35 -6.05
C LEU B 388 24.40 -9.21 -5.54
N ALA B 389 23.21 -9.03 -6.15
CA ALA B 389 21.96 -9.58 -5.64
C ALA B 389 21.52 -10.71 -6.57
N ALA B 390 22.09 -11.88 -6.31
CA ALA B 390 21.64 -13.12 -6.97
C ALA B 390 20.22 -13.52 -6.53
N ALA B 391 19.39 -13.87 -7.49
CA ALA B 391 18.02 -14.31 -7.23
C ALA B 391 17.65 -15.32 -8.27
N TRP B 392 17.09 -16.42 -7.83
CA TRP B 392 16.71 -17.51 -8.73
C TRP B 392 15.59 -18.42 -8.19
N MET B 393 15.36 -19.53 -8.90
CA MET B 393 14.23 -20.39 -8.53
C MET B 393 14.63 -21.78 -8.14
N ASP B 394 15.52 -22.41 -8.90
CA ASP B 394 15.81 -23.85 -8.74
C ASP B 394 16.94 -24.15 -7.75
N PRO B 395 16.63 -24.87 -6.65
CA PRO B 395 17.60 -25.17 -5.58
C PRO B 395 18.82 -25.90 -6.08
N THR B 396 18.73 -26.62 -7.19
CA THR B 396 19.95 -27.26 -7.71
C THR B 396 20.95 -26.19 -8.28
N GLU B 397 20.51 -24.92 -8.43
CA GLU B 397 21.40 -23.93 -8.96
C GLU B 397 22.08 -23.12 -7.89
N ASP B 398 21.84 -23.46 -6.61
CA ASP B 398 22.26 -22.57 -5.55
C ASP B 398 23.77 -22.32 -5.62
N ALA B 399 24.56 -23.39 -5.81
CA ALA B 399 26.03 -23.22 -5.77
C ALA B 399 26.48 -22.28 -6.89
N ARG B 400 25.87 -22.36 -8.07
CA ARG B 400 26.33 -21.50 -9.16
C ARG B 400 25.98 -20.00 -8.94
N HIS B 401 24.74 -19.75 -8.52
CA HIS B 401 24.39 -18.34 -8.22
C HIS B 401 25.17 -17.72 -7.02
N THR B 402 25.35 -18.47 -5.93
CA THR B 402 26.11 -17.97 -4.78
C THR B 402 27.56 -17.70 -5.21
N ALA B 403 28.12 -18.59 -6.02
CA ALA B 403 29.53 -18.41 -6.40
C ALA B 403 29.65 -17.15 -7.20
N TRP B 404 28.69 -16.87 -8.07
CA TRP B 404 28.74 -15.60 -8.89
C TRP B 404 28.85 -14.34 -7.94
N ALA B 405 28.00 -14.31 -6.92
CA ALA B 405 27.94 -13.14 -6.09
C ALA B 405 29.28 -13.06 -5.29
N ARG B 406 29.80 -14.20 -4.80
CA ARG B 406 31.07 -14.12 -4.05
C ARG B 406 32.24 -13.75 -4.92
N GLU B 407 32.29 -14.31 -6.13
CA GLU B 407 33.41 -13.92 -7.04
C GLU B 407 33.44 -12.41 -7.30
N GLY B 408 32.25 -11.84 -7.53
CA GLY B 408 32.16 -10.37 -7.88
C GLY B 408 32.61 -9.58 -6.64
N TYR B 409 32.15 -10.04 -5.46
CA TYR B 409 32.52 -9.36 -4.21
C TYR B 409 34.07 -9.37 -3.98
N ARG B 410 34.71 -10.54 -4.20
CA ARG B 410 36.15 -10.70 -3.91
C ARG B 410 36.88 -9.85 -4.93
N ALA B 411 36.32 -9.74 -6.13
CA ALA B 411 37.01 -9.00 -7.24
C ALA B 411 36.95 -7.52 -6.88
N LEU B 412 35.92 -7.11 -6.15
CA LEU B 412 35.80 -5.70 -5.82
C LEU B 412 36.33 -5.36 -4.44
N ALA B 413 36.86 -6.35 -3.74
CA ALA B 413 36.95 -6.15 -2.29
C ALA B 413 37.94 -5.03 -1.83
N GLY B 414 39.02 -4.81 -2.58
CA GLY B 414 39.95 -3.67 -2.36
C GLY B 414 39.26 -2.32 -2.47
N HIS B 415 38.12 -2.23 -3.16
CA HIS B 415 37.44 -0.95 -3.33
C HIS B 415 36.36 -0.68 -2.28
N LEU B 416 35.96 -1.73 -1.56
CA LEU B 416 34.72 -1.77 -0.71
C LEU B 416 35.11 -1.41 0.72
N SER B 417 34.21 -0.78 1.47
CA SER B 417 34.40 -0.54 2.88
C SER B 417 33.03 -0.77 3.56
N GLY B 418 33.00 -1.24 4.79
CA GLY B 418 31.76 -1.25 5.53
C GLY B 418 30.80 -2.26 4.94
N GLY B 419 29.52 -2.01 5.12
CA GLY B 419 28.51 -2.91 4.68
C GLY B 419 27.24 -2.38 5.34
N TYR B 420 26.10 -2.44 4.64
CA TYR B 420 24.83 -2.05 5.20
C TYR B 420 24.37 -3.36 5.89
N VAL B 421 24.11 -3.30 7.20
CA VAL B 421 23.59 -4.48 7.91
C VAL B 421 22.39 -5.17 7.27
N ASN B 422 21.52 -4.38 6.68
CA ASN B 422 20.31 -4.88 6.00
C ASN B 422 20.53 -5.58 4.62
N PHE B 423 21.80 -5.62 4.14
CA PHE B 423 22.12 -6.38 2.96
C PHE B 423 23.04 -7.56 3.26
N MET B 424 23.22 -7.93 4.53
CA MET B 424 24.10 -9.08 4.82
C MET B 424 23.39 -10.40 4.54
N ASN B 425 24.15 -11.40 4.15
CA ASN B 425 23.57 -12.71 3.90
C ASN B 425 23.76 -13.64 5.11
N PRO B 426 23.19 -14.87 5.03
CA PRO B 426 23.21 -15.77 6.20
C PRO B 426 24.58 -16.13 6.71
N GLY B 427 25.61 -15.96 5.88
CA GLY B 427 26.97 -16.33 6.24
C GLY B 427 27.85 -15.19 6.70
N GLU B 428 27.25 -14.03 6.88
CA GLU B 428 28.05 -12.88 7.23
C GLU B 428 28.00 -12.40 8.71
N ALA B 429 27.79 -13.29 9.68
CA ALA B 429 27.79 -12.89 11.11
C ALA B 429 29.06 -12.16 11.47
N ASP B 430 30.14 -12.59 10.84
CA ASP B 430 31.49 -12.09 11.09
C ASP B 430 31.74 -10.66 10.54
N ARG B 431 30.81 -10.13 9.74
CA ARG B 431 30.96 -8.77 9.17
C ARG B 431 30.51 -7.61 10.14
N THR B 432 29.92 -7.92 11.28
CA THR B 432 29.29 -6.87 12.09
C THR B 432 30.26 -5.78 12.57
N ARG B 433 31.43 -6.18 13.09
CA ARG B 433 32.42 -5.22 13.54
C ARG B 433 32.90 -4.30 12.45
N GLU B 434 33.20 -4.84 11.27
CA GLU B 434 33.71 -4.02 10.20
C GLU B 434 32.61 -3.11 9.60
N ALA B 435 31.36 -3.56 9.67
CA ALA B 435 30.21 -2.80 9.15
C ALA B 435 30.04 -1.52 10.00
N TYR B 436 29.99 -1.67 11.34
CA TYR B 436 29.80 -0.55 12.27
C TYR B 436 31.04 0.25 12.54
N GLY B 437 32.21 -0.39 12.53
CA GLY B 437 33.45 0.30 12.89
C GLY B 437 33.64 0.17 14.39
N ALA B 438 34.86 0.38 14.88
CA ALA B 438 35.16 0.10 16.28
C ALA B 438 34.44 0.95 17.34
N ALA B 439 34.41 2.25 17.15
CA ALA B 439 33.81 3.20 18.08
C ALA B 439 32.28 2.94 18.19
N LYS B 440 31.58 2.88 17.05
CA LYS B 440 30.13 2.45 17.04
C LYS B 440 29.89 1.11 17.66
N PHE B 441 30.68 0.11 17.26
CA PHE B 441 30.46 -1.24 17.81
C PHE B 441 30.60 -1.25 19.33
N GLU B 442 31.67 -0.62 19.81
CA GLU B 442 31.83 -0.48 21.27
C GLU B 442 30.68 0.25 21.99
N ARG B 443 30.19 1.35 21.40
CA ARG B 443 29.12 2.07 22.07
C ARG B 443 27.84 1.19 22.04
N LEU B 444 27.61 0.52 20.90
CA LEU B 444 26.44 -0.40 20.80
C LEU B 444 26.52 -1.55 21.84
N GLN B 445 27.74 -2.11 22.05
CA GLN B 445 27.94 -3.14 23.06
C GLN B 445 27.56 -2.62 24.42
N GLY B 446 27.88 -1.37 24.74
CA GLY B 446 27.44 -0.84 26.04
C GLY B 446 25.95 -0.69 26.20
N VAL B 447 25.28 -0.27 25.13
CA VAL B 447 23.82 -0.16 25.18
C VAL B 447 23.25 -1.58 25.30
N LYS B 448 23.87 -2.51 24.56
CA LYS B 448 23.43 -3.91 24.67
C LYS B 448 23.53 -4.43 26.13
N ALA B 449 24.69 -4.22 26.75
CA ALA B 449 24.89 -4.58 28.20
C ALA B 449 23.79 -4.05 29.07
N LYS B 450 23.33 -2.83 28.81
CA LYS B 450 22.26 -2.21 29.57
C LYS B 450 20.88 -2.79 29.33
N TYR B 451 20.49 -2.87 28.04
CA TYR B 451 19.10 -3.29 27.69
C TYR B 451 18.83 -4.77 27.36
N ASP B 452 19.85 -5.50 26.94
CA ASP B 452 19.68 -6.92 26.61
C ASP B 452 20.96 -7.65 27.03
N PRO B 453 21.23 -7.64 28.34
CA PRO B 453 22.51 -8.09 28.84
C PRO B 453 22.63 -9.61 28.65
N THR B 454 21.48 -10.32 28.51
CA THR B 454 21.51 -11.80 28.25
C THR B 454 21.50 -12.19 26.75
N ASN B 455 21.51 -11.16 25.89
CA ASN B 455 21.50 -11.34 24.44
C ASN B 455 20.29 -12.27 24.08
N LEU B 456 19.14 -11.95 24.62
CA LEU B 456 17.85 -12.59 24.22
C LEU B 456 17.55 -12.37 22.73
N PHE B 457 17.86 -11.18 22.24
CA PHE B 457 17.66 -10.87 20.81
C PHE B 457 18.94 -11.06 20.05
N ARG B 458 19.18 -12.26 19.56
CA ARG B 458 20.46 -12.52 18.84
C ARG B 458 20.29 -12.86 17.38
N LEU B 459 19.05 -12.83 16.87
CA LEU B 459 18.79 -13.19 15.41
C LEU B 459 18.62 -11.92 14.67
N ASN B 460 19.81 -11.40 14.34
CA ASN B 460 20.00 -10.08 13.79
C ASN B 460 21.51 -9.99 13.51
N GLN B 461 21.96 -8.87 12.95
CA GLN B 461 23.44 -8.59 12.85
C GLN B 461 23.84 -8.24 14.30
N ASN B 462 24.31 -9.28 14.99
CA ASN B 462 24.23 -9.29 16.42
C ASN B 462 25.38 -8.55 17.08
N ILE B 463 25.04 -7.82 18.14
CA ILE B 463 26.03 -7.08 18.91
C ILE B 463 26.00 -7.71 20.30
N PRO B 464 27.02 -8.48 20.66
CA PRO B 464 26.96 -9.10 21.99
C PRO B 464 27.18 -8.09 23.11
N PRO B 465 26.62 -8.31 24.30
CA PRO B 465 26.74 -7.25 25.29
C PRO B 465 28.21 -7.15 25.85
N SER B 466 28.70 -5.96 26.21
CA SER B 466 30.12 -5.89 26.64
C SER B 466 30.34 -6.44 28.05
#